data_8XQV
#
_entry.id   8XQV
#
_cell.length_a   59.453
_cell.length_b   83.849
_cell.length_c   75.052
_cell.angle_alpha   90.00
_cell.angle_beta   96.90
_cell.angle_gamma   90.00
#
_symmetry.space_group_name_H-M   'P 1 21 1'
#
loop_
_entity.id
_entity.type
_entity.pdbx_description
1 polymer '4-hydroxyphenylpyruvate dioxygenase'
2 non-polymer 'COBALT (II) ION'
3 non-polymer 4-[[1,6-dimethyl-2,5-bis(oxidanylidene)-7-(2-oxidanyl-6-oxidanylidene-cyclohexen-1-yl)carbonyl-3~{H}-1,4-benzodiazepin-4-yl]methyl]benzenecarbonitrile
4 water water
#
_entity_poly.entity_id   1
_entity_poly.type   'polypeptide(L)'
_entity_poly.pdbx_seq_one_letter_code
;KNPKSDKFKVKRFHHIEFWCGDATNVARRFSWGLGMRFSAKSDLSTGNMVHASYLLTSGDLRFLFTAPYSPSLSAGEIKP
TTTASIPSFDHGSCRSFFSSHGLGVRAVAIEVEDAESAFSISVANGAIPSSPPIVLNEAVTIAEVKLYGDVVLRYVSYKA
EDTEKSEFLPGFERVEDASSFPLDYGIRRLDHAVGNVPELGPALTYVAGFTGFHQFAEFTADDVGTAESGLNSAVLASND
EMVLLPINEPVHGTKRKSQIQTYLEHNEGAGLQHLALMSEDIFRTLREMRKRSSIGGFDFMPSPPPTYYQNLKKRVGDVL
SDDQIKECEELGILVDRDDQGTLLQIFTKPLGDRPTIFIEIIQRVGCMMKDEEGKAYQSGGCGGFGKGNFSELFKSIEEY
EKT
;
_entity_poly.pdbx_strand_id   A,B
#
loop_
_chem_comp.id
_chem_comp.type
_chem_comp.name
_chem_comp.formula
A1LWU non-polymer 4-[[1,6-dimethyl-2,5-bis(oxidanylidene)-7-(2-oxidanyl-6-oxidanylidene-cyclohexen-1-yl)carbonyl-3~{H}-1,4-benzodiazepin-4-yl]methyl]benzenecarbonitrile 'C26 H23 N3 O5'
CO non-polymer 'COBALT (II) ION' 'Co 2'
#
# COMPACT_ATOMS: atom_id res chain seq x y z
N LYS A 1 -6.41 15.56 40.63
CA LYS A 1 -5.00 15.71 40.90
C LYS A 1 -4.17 15.69 39.60
N ASN A 2 -3.81 16.87 39.10
CA ASN A 2 -2.99 17.03 37.91
C ASN A 2 -1.70 17.70 38.33
N PRO A 3 -0.65 16.94 38.68
CA PRO A 3 0.53 17.54 39.32
C PRO A 3 1.41 18.40 38.41
N LYS A 4 1.14 18.46 37.10
CA LYS A 4 1.84 19.37 36.20
C LYS A 4 3.37 19.27 36.34
N SER A 5 3.90 18.07 36.13
CA SER A 5 5.32 17.79 36.32
C SER A 5 6.09 17.63 35.01
N ASP A 6 5.66 18.27 33.92
CA ASP A 6 6.37 18.19 32.64
C ASP A 6 7.79 18.73 32.75
N LYS A 7 8.78 17.86 32.64
CA LYS A 7 10.18 18.26 32.64
C LYS A 7 10.58 19.16 31.45
N PHE A 8 9.68 19.51 30.53
CA PHE A 8 9.93 20.48 29.48
C PHE A 8 8.58 20.85 28.86
N LYS A 9 8.56 21.88 28.03
CA LYS A 9 7.30 22.41 27.51
C LYS A 9 6.83 21.56 26.32
N VAL A 10 5.57 21.13 26.37
CA VAL A 10 5.00 20.25 25.36
C VAL A 10 3.70 20.88 24.84
N LYS A 11 3.60 21.08 23.52
CA LYS A 11 2.33 21.62 23.02
C LYS A 11 1.30 20.53 22.80
N ARG A 12 1.21 19.96 21.60
CA ARG A 12 0.26 18.90 21.28
C ARG A 12 0.97 17.86 20.41
N PHE A 13 0.20 16.87 19.98
CA PHE A 13 0.73 15.95 18.98
C PHE A 13 1.09 16.72 17.71
N HIS A 14 2.19 16.32 17.06
CA HIS A 14 2.61 16.98 15.83
C HIS A 14 2.29 16.15 14.58
N HIS A 15 2.79 14.92 14.50
CA HIS A 15 2.38 14.03 13.42
C HIS A 15 2.64 12.60 13.85
N ILE A 16 2.35 11.66 12.95
CA ILE A 16 2.69 10.24 13.13
C ILE A 16 3.41 9.76 11.87
N GLU A 17 4.52 9.05 12.05
CA GLU A 17 5.24 8.45 10.92
C GLU A 17 5.03 6.95 10.91
N PHE A 18 4.59 6.45 9.76
CA PHE A 18 4.61 5.05 9.41
C PHE A 18 5.83 4.79 8.54
N TRP A 19 6.49 3.66 8.77
CA TRP A 19 7.53 3.18 7.87
C TRP A 19 6.93 2.04 7.06
N CYS A 20 7.09 2.10 5.75
CA CYS A 20 6.52 1.06 4.90
C CYS A 20 7.51 0.62 3.84
N GLY A 21 7.14 -0.49 3.18
CA GLY A 21 7.79 -0.92 1.96
C GLY A 21 7.53 0.08 0.85
N ASP A 22 6.25 0.38 0.58
CA ASP A 22 5.90 1.30 -0.50
C ASP A 22 5.06 2.45 0.04
N ALA A 23 5.67 3.63 0.13
CA ALA A 23 4.97 4.78 0.70
C ALA A 23 3.72 5.11 -0.11
N THR A 24 3.88 5.18 -1.43
CA THR A 24 2.80 5.61 -2.33
C THR A 24 1.50 4.90 -2.04
N ASN A 25 1.54 3.56 -2.01
CA ASN A 25 0.31 2.78 -1.95
C ASN A 25 -0.34 2.82 -0.58
N VAL A 26 0.46 2.93 0.49
CA VAL A 26 -0.16 3.04 1.79
C VAL A 26 -0.89 4.36 1.90
N ALA A 27 -0.33 5.42 1.32
CA ALA A 27 -0.86 6.74 1.57
C ALA A 27 -2.15 6.94 0.79
N ARG A 28 -2.20 6.40 -0.41
CA ARG A 28 -3.43 6.48 -1.19
C ARG A 28 -4.51 5.60 -0.59
N ARG A 29 -4.16 4.43 -0.05
CA ARG A 29 -5.16 3.67 0.66
C ARG A 29 -5.70 4.45 1.86
N PHE A 30 -4.80 5.03 2.68
CA PHE A 30 -5.23 5.72 3.90
C PHE A 30 -5.98 7.00 3.59
N SER A 31 -5.55 7.72 2.54
CA SER A 31 -6.22 8.95 2.16
C SER A 31 -7.69 8.69 1.87
N TRP A 32 -7.95 7.72 0.99
CA TRP A 32 -9.30 7.32 0.61
C TRP A 32 -10.05 6.71 1.78
N GLY A 33 -9.41 5.82 2.54
CA GLY A 33 -10.15 5.17 3.60
C GLY A 33 -10.50 6.07 4.77
N LEU A 34 -9.75 7.16 4.96
CA LEU A 34 -9.90 8.00 6.14
C LEU A 34 -10.37 9.42 5.83
N GLY A 35 -10.19 9.90 4.60
CA GLY A 35 -10.65 11.23 4.27
C GLY A 35 -9.57 12.26 4.52
N MET A 36 -8.33 11.95 4.17
CA MET A 36 -7.21 12.83 4.44
C MET A 36 -6.61 13.37 3.14
N ARG A 37 -6.20 14.63 3.16
CA ARG A 37 -5.68 15.35 2.01
C ARG A 37 -4.22 15.00 1.74
N PHE A 38 -3.86 14.92 0.47
CA PHE A 38 -2.48 14.82 -0.02
C PHE A 38 -1.90 16.24 -0.03
N SER A 39 -1.06 16.57 0.95
CA SER A 39 -0.70 17.96 1.19
C SER A 39 0.80 18.29 1.14
N ALA A 40 1.69 17.31 1.25
CA ALA A 40 3.13 17.60 1.17
C ALA A 40 3.90 16.33 0.83
N LYS A 41 5.07 16.52 0.20
CA LYS A 41 5.83 15.36 -0.26
C LYS A 41 7.34 15.63 -0.23
N SER A 42 8.10 14.55 -0.08
CA SER A 42 9.54 14.61 -0.23
C SER A 42 9.98 13.31 -0.90
N ASP A 43 10.54 13.42 -2.10
CA ASP A 43 10.85 12.24 -2.90
C ASP A 43 11.79 12.64 -4.04
N LEU A 44 11.89 11.76 -5.05
CA LEU A 44 12.76 12.02 -6.20
C LEU A 44 12.35 13.30 -6.91
N SER A 45 11.05 13.54 -7.00
CA SER A 45 10.55 14.71 -7.70
C SER A 45 10.93 16.01 -7.01
N THR A 46 11.29 15.95 -5.72
CA THR A 46 11.77 17.12 -4.98
C THR A 46 13.22 16.97 -4.55
N GLY A 47 13.96 16.05 -5.16
CA GLY A 47 15.38 15.92 -4.90
C GLY A 47 15.78 14.97 -3.79
N ASN A 48 14.86 14.28 -3.15
CA ASN A 48 15.24 13.33 -2.12
C ASN A 48 15.63 12.01 -2.78
N MET A 49 16.91 11.64 -2.66
CA MET A 49 17.45 10.41 -3.22
C MET A 49 17.41 9.27 -2.23
N VAL A 50 16.96 9.52 -1.02
CA VAL A 50 17.15 8.54 0.04
C VAL A 50 15.82 7.86 0.31
N HIS A 51 14.83 8.65 0.68
CA HIS A 51 13.53 8.10 1.03
C HIS A 51 12.45 8.87 0.31
N ALA A 52 11.33 8.17 0.06
CA ALA A 52 10.07 8.80 -0.29
C ALA A 52 9.24 8.98 0.97
N SER A 53 8.61 10.15 1.09
CA SER A 53 7.79 10.48 2.25
C SER A 53 6.60 11.32 1.81
N TYR A 54 5.38 10.83 2.05
CA TYR A 54 4.15 11.53 1.69
C TYR A 54 3.31 11.77 2.94
N LEU A 55 2.68 12.94 2.99
CA LEU A 55 2.01 13.44 4.19
C LEU A 55 0.54 13.70 3.88
N LEU A 56 -0.34 13.00 4.59
CA LEU A 56 -1.76 13.26 4.54
C LEU A 56 -2.15 14.07 5.77
N THR A 57 -3.12 14.99 5.59
CA THR A 57 -3.59 15.81 6.68
C THR A 57 -5.11 15.84 6.70
N SER A 58 -5.67 15.85 7.91
CA SER A 58 -7.08 16.16 8.12
C SER A 58 -7.16 17.03 9.37
N GLY A 59 -7.53 18.30 9.20
CA GLY A 59 -7.44 19.24 10.31
C GLY A 59 -6.00 19.38 10.81
N ASP A 60 -5.82 19.06 12.10
CA ASP A 60 -4.51 19.03 12.75
C ASP A 60 -3.87 17.65 12.73
N LEU A 61 -4.63 16.63 12.31
CA LEU A 61 -4.06 15.30 12.18
C LEU A 61 -3.15 15.28 10.95
N ARG A 62 -1.94 14.77 11.15
CA ARG A 62 -0.97 14.64 10.08
C ARG A 62 -0.43 13.22 10.11
N PHE A 63 -0.62 12.49 9.01
CA PHE A 63 -0.03 11.16 8.83
C PHE A 63 1.09 11.28 7.80
N LEU A 64 2.29 10.86 8.20
CA LEU A 64 3.43 10.77 7.30
C LEU A 64 3.66 9.31 6.94
N PHE A 65 3.97 9.06 5.67
CA PHE A 65 4.22 7.72 5.18
C PHE A 65 5.57 7.73 4.49
N THR A 66 6.48 6.85 4.92
CA THR A 66 7.86 6.92 4.48
C THR A 66 8.38 5.52 4.13
N ALA A 67 9.13 5.44 3.03
CA ALA A 67 9.72 4.20 2.52
C ALA A 67 11.11 4.49 1.97
N PRO A 68 11.99 3.48 1.92
CA PRO A 68 13.36 3.70 1.41
C PRO A 68 13.55 3.38 -0.06
N TYR A 69 14.35 4.20 -0.77
CA TYR A 69 14.83 3.89 -2.12
C TYR A 69 15.95 2.85 -2.06
N SER A 70 16.44 2.46 -3.25
CA SER A 70 17.64 1.65 -3.32
C SER A 70 18.81 2.48 -2.77
N PRO A 71 19.64 1.94 -1.89
CA PRO A 71 20.74 2.75 -1.37
C PRO A 71 21.68 3.20 -2.47
N SER A 72 21.80 2.43 -3.55
CA SER A 72 22.63 2.85 -4.68
C SER A 72 22.39 4.31 -5.07
N LEU A 73 21.18 4.81 -4.85
CA LEU A 73 20.86 6.16 -5.31
C LEU A 73 21.62 7.24 -4.53
N SER A 74 22.01 6.97 -3.29
CA SER A 74 22.59 7.99 -2.45
C SER A 74 23.91 7.54 -1.84
N ALA A 75 24.66 6.73 -2.61
CA ALA A 75 25.84 6.06 -2.07
C ALA A 75 26.98 7.02 -1.74
N GLY A 76 27.15 8.08 -2.53
CA GLY A 76 28.16 9.08 -2.21
C GLY A 76 27.64 10.22 -1.37
N GLU A 77 26.54 10.01 -0.66
CA GLU A 77 26.03 11.01 0.25
C GLU A 77 26.46 10.65 1.67
N ILE A 78 27.09 11.61 2.34
CA ILE A 78 27.35 11.53 3.76
C ILE A 78 26.28 12.35 4.46
N LYS A 79 26.22 12.24 5.79
CA LYS A 79 25.15 12.96 6.50
C LYS A 79 25.20 14.47 6.28
N PRO A 80 26.36 15.14 6.19
CA PRO A 80 26.35 16.57 5.82
C PRO A 80 25.83 16.89 4.41
N THR A 81 25.98 16.00 3.42
CA THR A 81 25.49 16.30 2.06
C THR A 81 24.20 15.55 1.72
N THR A 82 23.39 15.18 2.72
CA THR A 82 22.26 14.30 2.44
C THR A 82 21.12 15.05 1.75
N THR A 83 20.53 14.41 0.74
CA THR A 83 19.28 14.91 0.13
C THR A 83 18.06 14.43 0.88
N ALA A 84 18.24 13.64 1.93
CA ALA A 84 17.14 13.24 2.78
C ALA A 84 16.57 14.45 3.50
N SER A 85 15.24 14.58 3.49
CA SER A 85 14.57 15.64 4.21
C SER A 85 14.37 15.32 5.69
N ILE A 86 14.40 14.05 6.07
CA ILE A 86 14.29 13.64 7.46
C ILE A 86 15.59 12.96 7.86
N PRO A 87 16.54 13.71 8.46
CA PRO A 87 17.92 13.19 8.60
C PRO A 87 18.05 12.05 9.57
N SER A 88 17.05 11.73 10.35
CA SER A 88 17.19 10.60 11.23
C SER A 88 16.95 9.30 10.52
N PHE A 89 16.60 9.38 9.26
CA PHE A 89 16.31 8.20 8.47
C PHE A 89 17.60 7.42 8.21
N ASP A 90 17.43 6.15 7.82
CA ASP A 90 18.53 5.20 7.73
C ASP A 90 18.06 3.91 7.06
N HIS A 91 18.54 3.64 5.85
CA HIS A 91 18.04 2.52 5.05
C HIS A 91 17.96 1.24 5.88
N GLY A 92 19.04 0.92 6.60
CA GLY A 92 19.05 -0.31 7.36
C GLY A 92 17.97 -0.35 8.42
N SER A 93 17.83 0.74 9.16
CA SER A 93 16.86 0.76 10.26
C SER A 93 15.45 0.59 9.73
N CYS A 94 15.15 1.21 8.58
CA CYS A 94 13.83 1.07 7.99
C CYS A 94 13.59 -0.37 7.56
N ARG A 95 14.42 -0.87 6.63
CA ARG A 95 14.24 -2.24 6.13
C ARG A 95 14.21 -3.24 7.29
N SER A 96 15.02 -2.99 8.32
CA SER A 96 15.03 -3.85 9.49
C SER A 96 13.71 -3.74 10.27
N PHE A 97 13.33 -2.51 10.63
CA PHE A 97 12.05 -2.27 11.28
C PHE A 97 10.94 -3.01 10.55
N PHE A 98 10.93 -2.88 9.23
CA PHE A 98 9.77 -3.35 8.50
C PHE A 98 9.70 -4.86 8.39
N SER A 99 10.84 -5.56 8.31
CA SER A 99 10.75 -7.01 8.24
C SER A 99 10.48 -7.61 9.61
N SER A 100 10.74 -6.87 10.66
CA SER A 100 10.48 -7.38 12.00
C SER A 100 9.03 -7.17 12.40
N HIS A 101 8.42 -6.05 11.97
CA HIS A 101 7.09 -5.65 12.42
C HIS A 101 6.07 -5.47 11.28
N GLY A 102 6.51 -5.38 10.03
CA GLY A 102 5.60 -5.01 8.98
C GLY A 102 5.17 -3.55 9.11
N LEU A 103 4.01 -3.24 8.52
CA LEU A 103 3.49 -1.89 8.49
C LEU A 103 3.07 -1.45 9.89
N GLY A 104 3.53 -0.28 10.29
CA GLY A 104 3.45 0.13 11.68
C GLY A 104 3.97 1.53 11.88
N VAL A 105 3.82 2.03 13.10
CA VAL A 105 4.23 3.38 13.45
C VAL A 105 5.62 3.34 14.05
N ARG A 106 6.53 4.13 13.47
CA ARG A 106 7.90 4.30 13.91
C ARG A 106 8.07 5.50 14.84
N ALA A 107 7.34 6.58 14.58
CA ALA A 107 7.60 7.85 15.25
C ALA A 107 6.27 8.43 15.69
N VAL A 108 6.05 8.45 17.00
CA VAL A 108 5.06 9.33 17.61
C VAL A 108 5.78 10.65 17.86
N ALA A 109 5.26 11.73 17.29
CA ALA A 109 5.99 12.99 17.22
C ALA A 109 5.16 14.09 17.89
N ILE A 110 5.66 14.62 18.98
CA ILE A 110 5.05 15.73 19.69
C ILE A 110 5.86 16.98 19.41
N GLU A 111 5.17 18.12 19.41
CA GLU A 111 5.83 19.40 19.16
C GLU A 111 6.16 20.05 20.49
N VAL A 112 7.39 20.51 20.62
CA VAL A 112 7.90 21.06 21.87
C VAL A 112 8.28 22.51 21.61
N GLU A 113 8.73 23.22 22.65
CA GLU A 113 9.18 24.57 22.34
C GLU A 113 10.68 24.63 22.09
N ASP A 114 11.48 23.79 22.75
CA ASP A 114 12.86 23.59 22.33
C ASP A 114 13.19 22.10 22.33
N ALA A 115 13.56 21.59 21.15
CA ALA A 115 13.86 20.17 21.00
C ALA A 115 15.27 19.80 21.51
N GLU A 116 16.25 20.70 21.38
CA GLU A 116 17.57 20.43 21.96
C GLU A 116 17.47 20.24 23.47
N SER A 117 16.70 21.10 24.14
CA SER A 117 16.59 20.98 25.60
C SER A 117 15.66 19.84 25.99
N ALA A 118 14.60 19.63 25.20
CA ALA A 118 13.76 18.46 25.41
C ALA A 118 14.59 17.18 25.32
N PHE A 119 15.45 17.07 24.29
CA PHE A 119 16.29 15.89 24.13
C PHE A 119 17.26 15.74 25.29
N SER A 120 17.95 16.85 25.65
CA SER A 120 18.93 16.85 26.73
C SER A 120 18.31 16.43 28.06
N ILE A 121 17.26 17.14 28.48
CA ILE A 121 16.56 16.82 29.73
C ILE A 121 16.12 15.37 29.73
N SER A 122 15.44 14.94 28.65
CA SER A 122 15.02 13.55 28.53
C SER A 122 16.18 12.60 28.75
N VAL A 123 17.24 12.74 27.93
CA VAL A 123 18.42 11.88 28.07
C VAL A 123 19.07 12.06 29.44
N ALA A 124 18.99 13.26 30.02
CA ALA A 124 19.47 13.47 31.39
C ALA A 124 18.52 12.89 32.43
N ASN A 125 17.43 12.26 32.00
CA ASN A 125 16.46 11.68 32.92
C ASN A 125 16.08 10.24 32.55
N GLY A 126 16.95 9.54 31.84
CA GLY A 126 16.77 8.12 31.60
C GLY A 126 16.42 7.76 30.18
N ALA A 127 16.09 8.73 29.33
CA ALA A 127 15.78 8.45 27.93
C ALA A 127 17.02 7.93 27.22
N ILE A 128 16.91 6.74 26.61
CA ILE A 128 17.91 6.24 25.68
C ILE A 128 17.79 7.04 24.40
N PRO A 129 18.83 7.72 23.95
CA PRO A 129 18.74 8.49 22.70
C PRO A 129 18.61 7.60 21.49
N SER A 130 17.89 8.08 20.50
CA SER A 130 17.89 7.47 19.17
C SER A 130 18.49 8.37 18.11
N SER A 131 18.13 9.63 18.09
CA SER A 131 18.82 10.60 17.23
C SER A 131 18.97 11.91 18.00
N PRO A 132 20.20 12.33 18.29
CA PRO A 132 20.39 13.63 18.95
C PRO A 132 20.00 14.75 18.01
N PRO A 133 19.88 15.97 18.53
CA PRO A 133 19.24 17.05 17.76
C PRO A 133 19.97 17.40 16.46
N ILE A 134 19.20 17.43 15.38
CA ILE A 134 19.63 17.92 14.09
C ILE A 134 18.82 19.18 13.75
N VAL A 135 19.51 20.19 13.25
CA VAL A 135 18.87 21.46 12.91
C VAL A 135 18.70 21.53 11.39
N LEU A 136 17.45 21.69 10.94
CA LEU A 136 17.09 21.72 9.53
C LEU A 136 16.87 23.16 9.08
N ASN A 137 17.48 23.53 7.94
CA ASN A 137 17.57 24.94 7.55
C ASN A 137 18.14 25.69 8.75
N GLU A 138 17.40 26.67 9.24
CA GLU A 138 17.62 27.08 10.63
C GLU A 138 16.28 27.41 11.27
N ALA A 139 15.21 26.75 10.82
CA ALA A 139 13.86 26.97 11.32
C ALA A 139 13.38 25.91 12.31
N VAL A 140 13.71 24.64 12.06
CA VAL A 140 13.11 23.50 12.76
C VAL A 140 14.22 22.64 13.32
N THR A 141 14.04 22.11 14.52
CA THR A 141 14.96 21.14 15.11
C THR A 141 14.23 19.83 15.43
N ILE A 142 14.93 18.71 15.21
CA ILE A 142 14.35 17.38 15.35
C ILE A 142 15.29 16.55 16.21
N ALA A 143 14.72 15.70 17.06
CA ALA A 143 15.49 14.83 17.93
C ALA A 143 14.62 13.65 18.33
N GLU A 144 15.24 12.51 18.49
CA GLU A 144 14.55 11.28 18.76
C GLU A 144 15.08 10.44 19.91
N VAL A 145 14.23 10.12 20.86
CA VAL A 145 14.59 9.22 21.94
C VAL A 145 13.77 7.96 21.77
N LYS A 146 14.14 6.93 22.51
CA LYS A 146 13.44 5.66 22.43
C LYS A 146 12.16 5.73 23.25
N LEU A 147 11.07 5.15 22.73
CA LEU A 147 9.78 5.15 23.41
C LEU A 147 9.45 3.75 23.95
N TYR A 148 9.14 2.81 23.07
CA TYR A 148 9.01 1.39 23.40
C TYR A 148 9.18 0.65 22.08
N GLY A 149 9.75 -0.54 22.15
CA GLY A 149 10.05 -1.31 20.95
C GLY A 149 11.02 -0.56 20.07
N ASP A 150 10.77 -0.60 18.77
CA ASP A 150 11.52 0.24 17.85
C ASP A 150 10.82 1.54 17.56
N VAL A 151 9.87 1.93 18.42
CA VAL A 151 9.16 3.20 18.28
C VAL A 151 9.91 4.26 19.06
N VAL A 152 10.10 5.40 18.44
CA VAL A 152 10.78 6.53 19.02
C VAL A 152 9.73 7.61 19.31
N LEU A 153 9.97 8.40 20.34
CA LEU A 153 9.23 9.64 20.57
C LEU A 153 10.02 10.78 19.95
N ARG A 154 9.43 11.46 18.97
CA ARG A 154 10.13 12.47 18.18
C ARG A 154 9.75 13.87 18.62
N TYR A 155 10.76 14.72 18.81
CA TYR A 155 10.60 16.09 19.23
C TYR A 155 10.76 17.03 18.03
N VAL A 156 9.71 17.79 17.72
CA VAL A 156 9.79 18.85 16.71
C VAL A 156 9.62 20.19 17.41
N SER A 157 10.38 21.18 17.00
CA SER A 157 10.19 22.53 17.53
C SER A 157 10.46 23.54 16.42
N TYR A 158 9.89 24.72 16.63
CA TYR A 158 9.90 25.81 15.69
C TYR A 158 10.45 27.06 16.37
N LYS A 159 11.23 27.85 15.62
CA LYS A 159 11.58 29.19 16.07
C LYS A 159 10.41 30.16 15.82
N ALA A 160 9.79 30.08 14.64
CA ALA A 160 8.57 30.83 14.29
C ALA A 160 7.42 29.88 13.98
N PHE A 168 5.18 21.76 6.37
CA PHE A 168 5.49 20.65 7.26
C PHE A 168 6.88 20.79 7.82
N LEU A 169 7.88 20.35 7.06
CA LEU A 169 9.30 20.42 7.41
C LEU A 169 10.09 20.91 6.21
N PRO A 170 11.24 21.55 6.43
CA PRO A 170 12.04 22.04 5.29
C PRO A 170 12.42 20.87 4.40
N GLY A 171 12.30 21.09 3.10
CA GLY A 171 12.65 20.09 2.11
C GLY A 171 11.47 19.30 1.57
N PHE A 172 10.32 19.40 2.21
CA PHE A 172 9.08 18.96 1.59
C PHE A 172 8.56 20.07 0.70
N GLU A 173 7.79 19.69 -0.32
CA GLU A 173 7.04 20.63 -1.14
C GLU A 173 5.55 20.45 -0.86
N ARG A 174 4.80 21.54 -1.05
CA ARG A 174 3.34 21.46 -1.14
C ARG A 174 2.94 20.57 -2.31
N VAL A 175 1.90 19.77 -2.11
CA VAL A 175 1.35 19.02 -3.23
C VAL A 175 0.66 19.98 -4.19
N GLU A 176 0.90 19.77 -5.50
CA GLU A 176 0.29 20.56 -6.56
C GLU A 176 -1.21 20.29 -6.61
N ASP A 177 -2.02 21.35 -6.45
CA ASP A 177 -3.47 21.29 -6.33
C ASP A 177 -4.14 20.16 -7.10
N ALA A 178 -3.77 19.99 -8.39
CA ALA A 178 -4.39 18.96 -9.21
C ALA A 178 -4.32 17.58 -8.54
N SER A 179 -3.18 17.24 -7.97
CA SER A 179 -3.08 15.99 -7.23
C SER A 179 -3.73 16.07 -5.85
N SER A 180 -4.20 17.24 -5.42
CA SER A 180 -4.60 17.46 -4.03
C SER A 180 -6.12 17.60 -3.95
N PHE A 181 -6.78 16.52 -3.57
CA PHE A 181 -8.24 16.52 -3.50
C PHE A 181 -8.67 16.86 -2.08
N PRO A 182 -9.48 17.89 -1.86
CA PRO A 182 -9.82 18.28 -0.49
C PRO A 182 -10.78 17.33 0.22
N LEU A 183 -10.41 16.06 0.30
CA LEU A 183 -11.21 15.07 1.01
C LEU A 183 -11.37 15.46 2.47
N ASP A 184 -12.48 15.05 3.08
CA ASP A 184 -12.73 15.39 4.47
C ASP A 184 -13.96 14.65 5.00
N TYR A 185 -13.72 13.65 5.84
CA TYR A 185 -14.79 12.91 6.51
C TYR A 185 -14.95 13.36 7.97
N GLY A 186 -14.30 14.46 8.38
CA GLY A 186 -14.57 15.08 9.65
C GLY A 186 -13.49 14.97 10.72
N ILE A 187 -12.47 14.13 10.52
CA ILE A 187 -11.45 13.90 11.54
C ILE A 187 -10.58 15.15 11.71
N ARG A 188 -10.18 15.45 12.95
CA ARG A 188 -9.59 16.76 13.19
C ARG A 188 -8.25 16.76 13.93
N ARG A 189 -8.00 15.83 14.85
CA ARG A 189 -6.68 15.77 15.50
C ARG A 189 -6.41 14.36 16.00
N LEU A 190 -5.17 14.12 16.45
CA LEU A 190 -4.84 12.89 17.15
C LEU A 190 -5.13 13.06 18.63
N ASP A 191 -5.86 12.11 19.23
CA ASP A 191 -6.28 12.24 20.61
C ASP A 191 -5.44 11.43 21.57
N HIS A 192 -5.23 10.15 21.29
CA HIS A 192 -4.21 9.45 22.04
C HIS A 192 -3.45 8.50 21.13
N ALA A 193 -2.28 8.06 21.63
CA ALA A 193 -1.41 7.11 20.96
C ALA A 193 -1.01 6.04 21.96
N VAL A 194 -1.25 4.78 21.63
CA VAL A 194 -1.22 3.69 22.61
C VAL A 194 -0.17 2.65 22.18
N GLY A 195 0.65 2.21 23.13
CA GLY A 195 1.62 1.16 22.91
C GLY A 195 1.21 -0.13 23.61
N ASN A 196 1.66 -1.25 23.08
CA ASN A 196 1.62 -2.52 23.77
C ASN A 196 3.04 -2.89 24.19
N VAL A 197 3.21 -3.26 25.46
CA VAL A 197 4.50 -3.75 25.94
C VAL A 197 4.25 -5.00 26.76
N PRO A 198 5.27 -5.86 26.93
CA PRO A 198 5.09 -7.07 27.74
C PRO A 198 5.14 -6.83 29.22
N GLU A 199 5.79 -5.76 29.67
CA GLU A 199 5.78 -5.37 31.08
C GLU A 199 5.44 -3.89 31.18
N LEU A 200 4.28 -3.60 31.77
CA LEU A 200 3.86 -2.20 31.94
C LEU A 200 4.82 -1.44 32.84
N GLY A 201 5.13 -2.01 34.02
CA GLY A 201 5.92 -1.40 35.05
C GLY A 201 7.22 -0.73 34.62
N PRO A 202 8.15 -1.50 34.04
CA PRO A 202 9.36 -0.84 33.52
C PRO A 202 9.06 0.24 32.49
N ALA A 203 8.05 0.02 31.63
CA ALA A 203 7.78 0.97 30.56
C ALA A 203 7.17 2.24 31.10
N LEU A 204 6.25 2.13 32.07
CA LEU A 204 5.65 3.33 32.63
C LEU A 204 6.67 4.11 33.46
N THR A 205 7.62 3.42 34.09
CA THR A 205 8.65 4.11 34.86
C THR A 205 9.62 4.83 33.93
N TYR A 206 10.13 4.12 32.92
CA TYR A 206 11.04 4.71 31.94
C TYR A 206 10.47 5.99 31.33
N VAL A 207 9.24 5.92 30.80
CA VAL A 207 8.66 7.00 30.01
C VAL A 207 8.23 8.17 30.91
N ALA A 208 7.58 7.88 32.04
CA ALA A 208 7.24 8.94 32.98
C ALA A 208 8.49 9.56 33.57
N GLY A 209 9.55 8.76 33.70
CA GLY A 209 10.80 9.24 34.25
C GLY A 209 11.42 10.35 33.42
N PHE A 210 11.52 10.16 32.09
CA PHE A 210 12.19 11.17 31.29
C PHE A 210 11.25 12.24 30.74
N THR A 211 9.95 12.15 30.98
CA THR A 211 9.08 13.24 30.57
C THR A 211 8.54 14.04 31.73
N GLY A 212 8.27 13.38 32.86
CA GLY A 212 7.46 14.01 33.86
C GLY A 212 5.98 13.97 33.58
N PHE A 213 5.53 13.23 32.57
CA PHE A 213 4.10 13.06 32.36
C PHE A 213 3.48 12.39 33.57
N HIS A 214 2.25 12.75 33.88
CA HIS A 214 1.62 12.20 35.07
C HIS A 214 0.60 11.14 34.70
N GLN A 215 0.31 10.27 35.68
CA GLN A 215 -0.81 9.34 35.58
C GLN A 215 -2.12 10.13 35.55
N PHE A 216 -3.08 9.61 34.79
CA PHE A 216 -4.31 10.34 34.49
C PHE A 216 -5.51 9.88 35.30
N ALA A 217 -5.64 8.57 35.54
CA ALA A 217 -6.71 8.00 36.37
C ALA A 217 -8.09 8.13 35.72
N GLU A 228 -11.12 -10.07 34.48
CA GLU A 228 -10.34 -9.26 33.55
C GLU A 228 -10.54 -9.70 32.09
N SER A 229 -10.35 -8.75 31.18
CA SER A 229 -10.39 -9.02 29.76
C SER A 229 -9.01 -9.22 29.15
N GLY A 230 -7.98 -9.39 29.98
CA GLY A 230 -6.66 -9.80 29.52
C GLY A 230 -5.63 -8.70 29.38
N LEU A 231 -5.87 -7.53 29.96
CA LEU A 231 -4.90 -6.47 29.79
C LEU A 231 -4.92 -5.57 31.00
N ASN A 232 -3.81 -4.86 31.17
CA ASN A 232 -3.59 -3.89 32.23
C ASN A 232 -2.97 -2.67 31.58
N SER A 233 -3.45 -1.48 31.94
CA SER A 233 -2.90 -0.28 31.31
C SER A 233 -2.98 0.92 32.23
N ALA A 234 -2.14 1.89 31.92
CA ALA A 234 -2.19 3.18 32.58
C ALA A 234 -1.86 4.24 31.56
N VAL A 235 -2.13 5.49 31.92
CA VAL A 235 -2.18 6.61 30.97
C VAL A 235 -1.28 7.74 31.47
N LEU A 236 -0.33 8.14 30.65
CA LEU A 236 0.55 9.26 30.94
C LEU A 236 0.06 10.49 30.19
N ALA A 237 0.29 11.66 30.76
CA ALA A 237 -0.22 12.87 30.10
C ALA A 237 0.68 14.06 30.43
N SER A 238 0.79 14.96 29.46
CA SER A 238 1.44 16.24 29.64
C SER A 238 0.64 17.14 30.59
N ASN A 239 1.16 18.34 30.85
CA ASN A 239 0.61 19.21 31.90
C ASN A 239 -0.84 19.59 31.62
N ASP A 240 -1.16 19.99 30.39
CA ASP A 240 -2.56 20.25 30.11
C ASP A 240 -3.32 18.98 29.73
N GLU A 241 -2.64 17.83 29.66
CA GLU A 241 -3.27 16.56 29.34
C GLU A 241 -3.81 16.52 27.90
N MET A 242 -3.10 17.16 26.97
CA MET A 242 -3.44 17.12 25.55
C MET A 242 -2.62 16.09 24.78
N VAL A 243 -1.40 15.79 25.20
CA VAL A 243 -0.68 14.59 24.80
C VAL A 243 -1.01 13.48 25.79
N LEU A 244 -1.61 12.40 25.28
CA LEU A 244 -1.99 11.24 26.08
C LEU A 244 -1.28 10.01 25.54
N LEU A 245 -0.69 9.24 26.45
CA LEU A 245 0.11 8.06 26.10
C LEU A 245 -0.28 6.88 27.00
N PRO A 246 -1.38 6.21 26.67
CA PRO A 246 -1.69 4.94 27.35
C PRO A 246 -0.70 3.84 26.97
N ILE A 247 -0.47 2.91 27.90
CA ILE A 247 0.34 1.73 27.60
C ILE A 247 -0.33 0.49 28.16
N ASN A 248 -0.46 -0.53 27.32
CA ASN A 248 -1.04 -1.81 27.71
C ASN A 248 0.08 -2.81 27.91
N GLU A 249 -0.09 -3.68 28.91
CA GLU A 249 0.67 -4.90 29.08
C GLU A 249 -0.30 -6.06 29.06
N PRO A 250 0.17 -7.28 28.86
CA PRO A 250 -0.74 -8.42 28.97
C PRO A 250 -0.84 -8.89 30.41
N VAL A 251 -2.04 -9.31 30.76
CA VAL A 251 -2.30 -10.07 31.97
C VAL A 251 -2.37 -11.52 31.51
N HIS A 252 -1.28 -12.24 31.65
CA HIS A 252 -1.30 -13.64 31.29
C HIS A 252 -2.03 -14.41 32.37
N GLY A 253 -2.88 -15.31 31.96
CA GLY A 253 -3.52 -16.22 32.88
C GLY A 253 -3.83 -17.55 32.27
N THR A 254 -4.94 -18.09 32.69
CA THR A 254 -5.19 -19.50 32.53
C THR A 254 -6.53 -19.75 31.85
N LYS A 255 -7.33 -18.71 31.64
CA LYS A 255 -8.67 -18.80 31.05
C LYS A 255 -8.67 -18.50 29.56
N ARG A 256 -8.22 -17.32 29.16
CA ARG A 256 -8.08 -16.95 27.76
C ARG A 256 -6.68 -16.41 27.52
N LYS A 257 -6.16 -16.63 26.32
CA LYS A 257 -4.92 -15.98 25.91
C LYS A 257 -5.17 -14.50 25.68
N SER A 258 -4.34 -13.66 26.30
CA SER A 258 -4.49 -12.22 26.17
C SER A 258 -4.31 -11.74 24.73
N GLN A 259 -5.16 -10.80 24.33
CA GLN A 259 -5.04 -10.15 23.03
C GLN A 259 -3.75 -9.35 22.93
N ILE A 260 -3.27 -8.78 24.04
CA ILE A 260 -2.02 -8.03 23.99
C ILE A 260 -0.86 -8.96 23.64
N GLN A 261 -0.94 -10.22 24.08
CA GLN A 261 0.14 -11.17 23.78
C GLN A 261 0.14 -11.52 22.31
N THR A 262 -1.04 -11.66 21.72
CA THR A 262 -1.12 -11.91 20.29
C THR A 262 -0.49 -10.77 19.51
N TYR A 263 -0.77 -9.53 19.90
CA TYR A 263 -0.08 -8.39 19.28
C TYR A 263 1.44 -8.57 19.35
N LEU A 264 1.97 -8.87 20.54
CA LEU A 264 3.43 -8.92 20.71
C LEU A 264 4.05 -9.99 19.82
N GLU A 265 3.36 -11.13 19.66
CA GLU A 265 3.89 -12.21 18.84
C GLU A 265 3.96 -11.82 17.37
N HIS A 266 2.84 -11.41 16.78
CA HIS A 266 2.86 -11.04 15.37
C HIS A 266 3.64 -9.75 15.11
N ASN A 267 3.76 -8.86 16.08
CA ASN A 267 4.59 -7.69 15.89
C ASN A 267 6.06 -7.96 16.23
N GLU A 268 6.34 -9.01 16.91
CA GLU A 268 7.69 -9.31 17.27
C GLU A 268 8.10 -8.37 18.35
N GLY A 269 7.23 -8.20 19.31
CA GLY A 269 7.53 -7.40 20.47
C GLY A 269 6.71 -6.13 20.56
N ALA A 270 7.21 -5.22 21.38
CA ALA A 270 6.47 -4.01 21.72
C ALA A 270 6.36 -3.10 20.51
N GLY A 271 5.21 -2.44 20.44
CA GLY A 271 5.03 -1.38 19.46
C GLY A 271 3.73 -0.65 19.71
N LEU A 272 3.39 0.19 18.77
CA LEU A 272 2.23 1.03 18.91
C LEU A 272 0.95 0.27 18.55
N GLN A 273 0.02 0.17 19.52
CA GLN A 273 -1.18 -0.60 19.32
C GLN A 273 -2.18 0.13 18.42
N HIS A 274 -2.68 1.27 18.89
CA HIS A 274 -3.68 1.99 18.12
C HIS A 274 -3.53 3.50 18.24
N LEU A 275 -3.97 4.16 17.17
CA LEU A 275 -4.10 5.60 17.11
C LEU A 275 -5.56 5.96 17.32
N ALA A 276 -5.84 6.90 18.21
CA ALA A 276 -7.20 7.38 18.44
C ALA A 276 -7.39 8.72 17.75
N LEU A 277 -8.24 8.74 16.73
CA LEU A 277 -8.42 9.92 15.89
C LEU A 277 -9.74 10.59 16.26
N MET A 278 -9.65 11.86 16.69
CA MET A 278 -10.84 12.62 17.07
C MET A 278 -11.54 13.21 15.84
N SER A 279 -12.85 12.95 15.75
CA SER A 279 -13.70 13.55 14.73
C SER A 279 -14.50 14.71 15.33
N GLU A 280 -14.68 15.78 14.53
CA GLU A 280 -15.63 16.84 14.88
C GLU A 280 -17.08 16.39 14.76
N ASP A 281 -17.34 15.23 14.15
CA ASP A 281 -18.69 14.73 13.94
C ASP A 281 -18.59 13.25 13.60
N ILE A 282 -18.58 12.41 14.65
CA ILE A 282 -18.26 11.00 14.49
C ILE A 282 -19.31 10.29 13.64
N PHE A 283 -20.57 10.69 13.73
CA PHE A 283 -21.60 10.09 12.90
C PHE A 283 -21.29 10.26 11.43
N ARG A 284 -20.90 11.48 11.03
CA ARG A 284 -20.57 11.74 9.63
C ARG A 284 -19.34 10.96 9.18
N THR A 285 -18.32 10.95 10.02
CA THR A 285 -17.09 10.24 9.70
C THR A 285 -17.35 8.75 9.52
N LEU A 286 -18.03 8.13 10.48
CA LEU A 286 -18.34 6.72 10.38
C LEU A 286 -19.16 6.43 9.13
N ARG A 287 -20.12 7.29 8.82
CA ARG A 287 -20.91 7.14 7.60
C ARG A 287 -20.00 7.05 6.39
N GLU A 288 -19.08 7.99 6.25
CA GLU A 288 -18.28 8.03 5.04
C GLU A 288 -17.24 6.90 5.01
N MET A 289 -16.71 6.53 6.18
CA MET A 289 -15.73 5.45 6.23
C MET A 289 -16.39 4.12 5.91
N ARG A 290 -17.55 3.85 6.50
CA ARG A 290 -18.20 2.57 6.24
C ARG A 290 -18.68 2.45 4.80
N LYS A 291 -18.92 3.57 4.11
CA LYS A 291 -19.25 3.50 2.69
C LYS A 291 -18.07 2.96 1.90
N ARG A 292 -16.86 3.31 2.30
CA ARG A 292 -15.68 2.95 1.52
C ARG A 292 -15.03 1.65 1.98
N SER A 293 -15.55 1.01 3.02
CA SER A 293 -14.89 -0.14 3.66
C SER A 293 -14.47 -1.17 2.63
N SER A 294 -15.43 -1.66 1.85
CA SER A 294 -15.15 -2.72 0.90
C SER A 294 -14.80 -2.22 -0.51
N ILE A 295 -14.40 -0.94 -0.66
CA ILE A 295 -13.90 -0.42 -1.94
C ILE A 295 -12.63 0.37 -1.71
N GLY A 296 -11.77 -0.15 -0.84
CA GLY A 296 -10.41 0.35 -0.67
C GLY A 296 -10.07 0.81 0.73
N GLY A 297 -11.07 1.13 1.55
CA GLY A 297 -10.81 1.66 2.87
C GLY A 297 -10.65 0.64 3.97
N PHE A 298 -11.22 0.93 5.14
CA PHE A 298 -10.97 0.20 6.37
C PHE A 298 -12.23 -0.50 6.83
N ASP A 299 -12.13 -1.79 7.16
CA ASP A 299 -13.22 -2.49 7.83
C ASP A 299 -13.30 -2.08 9.29
N PHE A 300 -14.36 -2.49 9.94
CA PHE A 300 -14.49 -2.24 11.36
C PHE A 300 -14.77 -3.55 12.06
N MET A 301 -14.34 -3.61 13.32
CA MET A 301 -14.63 -4.72 14.18
C MET A 301 -16.13 -5.01 14.12
N PRO A 302 -16.54 -6.27 14.20
CA PRO A 302 -17.97 -6.58 14.22
C PRO A 302 -18.65 -5.85 15.37
N SER A 303 -19.90 -5.46 15.13
CA SER A 303 -20.60 -4.53 16.01
C SER A 303 -21.23 -5.25 17.20
N PRO A 304 -21.44 -4.53 18.30
CA PRO A 304 -22.04 -5.16 19.49
C PRO A 304 -23.46 -5.63 19.21
N PRO A 305 -24.00 -6.53 20.05
CA PRO A 305 -25.35 -7.04 19.84
C PRO A 305 -26.39 -6.03 20.27
N PRO A 306 -27.61 -6.12 19.73
CA PRO A 306 -28.62 -5.08 20.00
C PRO A 306 -28.87 -4.86 21.46
N THR A 307 -28.77 -5.92 22.27
CA THR A 307 -28.85 -5.76 23.71
C THR A 307 -27.88 -4.67 24.20
N TYR A 308 -26.72 -4.53 23.55
CA TYR A 308 -25.83 -3.44 23.95
C TYR A 308 -26.48 -2.09 23.73
N TYR A 309 -27.27 -1.94 22.68
CA TYR A 309 -27.86 -0.65 22.41
C TYR A 309 -29.20 -0.46 23.11
N GLN A 310 -29.95 -1.53 23.39
CA GLN A 310 -31.12 -1.41 24.24
C GLN A 310 -30.75 -0.86 25.61
N ASN A 311 -29.53 -1.13 26.08
CA ASN A 311 -29.06 -0.66 27.36
C ASN A 311 -28.47 0.76 27.29
N LEU A 312 -28.41 1.37 26.11
CA LEU A 312 -27.73 2.66 25.97
C LEU A 312 -28.51 3.77 26.68
N LYS A 313 -29.82 3.86 26.44
CA LYS A 313 -30.62 4.94 27.03
C LYS A 313 -30.55 4.93 28.55
N LYS A 314 -30.38 3.76 29.18
CA LYS A 314 -30.28 3.72 30.64
C LYS A 314 -29.02 4.41 31.14
N ARG A 315 -27.97 4.46 30.32
CA ARG A 315 -26.71 5.00 30.84
C ARG A 315 -26.35 6.36 30.31
N VAL A 316 -26.79 6.74 29.12
CA VAL A 316 -26.49 8.07 28.62
C VAL A 316 -27.76 8.74 28.10
N GLY A 317 -28.91 8.34 28.63
CA GLY A 317 -30.17 8.91 28.20
C GLY A 317 -30.31 10.40 28.47
N ASP A 318 -29.38 11.00 29.22
CA ASP A 318 -29.35 12.43 29.51
C ASP A 318 -28.36 13.19 28.63
N VAL A 319 -27.53 12.48 27.87
CA VAL A 319 -26.56 13.10 26.97
C VAL A 319 -26.97 12.95 25.51
N LEU A 320 -27.46 11.77 25.12
CA LEU A 320 -27.81 11.45 23.75
C LEU A 320 -29.32 11.32 23.58
N SER A 321 -29.85 11.86 22.48
CA SER A 321 -31.27 11.72 22.24
C SER A 321 -31.59 10.28 21.80
N ASP A 322 -32.89 9.96 21.76
CA ASP A 322 -33.29 8.64 21.30
C ASP A 322 -32.89 8.44 19.86
N ASP A 323 -32.96 9.50 19.06
CA ASP A 323 -32.51 9.42 17.68
C ASP A 323 -31.00 9.21 17.59
N GLN A 324 -30.24 9.86 18.45
CA GLN A 324 -28.78 9.75 18.37
C GLN A 324 -28.29 8.39 18.87
N ILE A 325 -28.95 7.81 19.87
CA ILE A 325 -28.72 6.42 20.21
C ILE A 325 -29.01 5.53 19.01
N LYS A 326 -30.10 5.82 18.29
CA LYS A 326 -30.42 5.04 17.12
C LYS A 326 -29.26 5.02 16.13
N GLU A 327 -28.62 6.18 15.92
CA GLU A 327 -27.54 6.30 14.93
C GLU A 327 -26.25 5.62 15.40
N CYS A 328 -25.95 5.64 16.70
CA CYS A 328 -24.89 4.81 17.22
C CYS A 328 -25.06 3.36 16.76
N GLU A 329 -26.24 2.78 16.99
CA GLU A 329 -26.45 1.38 16.67
C GLU A 329 -26.33 1.10 15.18
N GLU A 330 -26.78 2.03 14.35
CA GLU A 330 -26.65 1.79 12.91
C GLU A 330 -25.20 1.80 12.48
N LEU A 331 -24.36 2.53 13.21
CA LEU A 331 -22.95 2.64 12.88
C LEU A 331 -22.07 1.73 13.73
N GLY A 332 -22.63 1.08 14.74
CA GLY A 332 -21.87 0.18 15.59
C GLY A 332 -20.92 0.90 16.51
N ILE A 333 -21.31 2.07 17.02
CA ILE A 333 -20.48 2.90 17.89
C ILE A 333 -20.64 2.42 19.34
N LEU A 334 -19.57 2.59 20.13
CA LEU A 334 -19.55 2.27 21.56
C LEU A 334 -19.54 3.55 22.39
N VAL A 335 -20.23 3.53 23.54
CA VAL A 335 -20.34 4.69 24.41
C VAL A 335 -19.83 4.31 25.79
N ASP A 336 -19.07 5.21 26.42
CA ASP A 336 -18.67 5.07 27.81
C ASP A 336 -18.80 6.42 28.50
N ARG A 337 -18.92 6.39 29.82
CA ARG A 337 -19.17 7.60 30.58
C ARG A 337 -18.20 7.73 31.74
N ASP A 338 -17.75 8.96 31.98
CA ASP A 338 -16.75 9.31 32.97
C ASP A 338 -17.41 9.64 34.30
N ASP A 339 -16.61 10.11 35.26
CA ASP A 339 -17.10 10.98 36.31
C ASP A 339 -17.44 12.36 35.80
N GLN A 340 -17.06 12.67 34.56
CA GLN A 340 -17.01 14.04 34.05
C GLN A 340 -17.49 14.20 32.62
N GLY A 341 -17.55 13.14 31.81
CA GLY A 341 -18.00 13.29 30.44
C GLY A 341 -18.36 11.96 29.79
N THR A 342 -18.59 12.02 28.47
CA THR A 342 -19.08 10.91 27.67
C THR A 342 -18.25 10.73 26.41
N LEU A 343 -18.02 9.48 26.03
CA LEU A 343 -17.11 9.13 24.96
C LEU A 343 -17.81 8.29 23.90
N LEU A 344 -17.72 8.72 22.64
CA LEU A 344 -18.14 7.90 21.52
C LEU A 344 -16.88 7.39 20.82
N GLN A 345 -16.87 6.10 20.48
CA GLN A 345 -15.65 5.45 20.03
C GLN A 345 -15.97 4.25 19.16
N ILE A 346 -15.13 3.99 18.17
CA ILE A 346 -15.26 2.77 17.38
C ILE A 346 -13.88 2.34 16.93
N PHE A 347 -13.75 1.05 16.58
CA PHE A 347 -12.44 0.45 16.29
C PHE A 347 -12.47 -0.28 14.97
N THR A 348 -11.53 0.05 14.09
CA THR A 348 -11.29 -0.69 12.85
C THR A 348 -10.62 -2.03 13.11
N LYS A 349 -10.58 -2.84 12.06
CA LYS A 349 -9.79 -4.04 12.00
C LYS A 349 -8.34 -3.61 11.71
N PRO A 350 -7.38 -4.53 11.63
CA PRO A 350 -6.00 -4.12 11.39
C PRO A 350 -5.77 -3.44 10.04
N LEU A 351 -4.96 -2.37 10.06
CA LEU A 351 -4.65 -1.54 8.90
C LEU A 351 -3.79 -2.24 7.86
N GLY A 352 -3.21 -3.39 8.16
CA GLY A 352 -2.29 -4.05 7.27
C GLY A 352 -2.36 -5.54 7.44
N ASP A 353 -1.36 -6.26 6.95
CA ASP A 353 -1.43 -7.71 6.93
C ASP A 353 -1.42 -8.31 8.34
N ARG A 354 -0.78 -7.58 9.33
CA ARG A 354 -0.65 -8.38 10.53
C ARG A 354 -1.68 -7.98 11.57
N PRO A 355 -2.11 -8.90 12.38
CA PRO A 355 -3.02 -8.53 13.46
C PRO A 355 -2.31 -7.72 14.54
N THR A 356 -1.93 -6.47 14.22
CA THR A 356 -1.18 -5.64 15.15
C THR A 356 -1.87 -4.32 15.32
N ILE A 357 -1.47 -3.27 14.58
CA ILE A 357 -1.97 -1.91 14.78
C ILE A 357 -3.35 -1.72 14.17
N PHE A 358 -4.20 -0.93 14.85
CA PHE A 358 -5.52 -0.60 14.34
C PHE A 358 -5.82 0.85 14.68
N ILE A 359 -6.94 1.35 14.16
CA ILE A 359 -7.33 2.73 14.38
C ILE A 359 -8.63 2.76 15.16
N GLU A 360 -8.80 3.82 15.94
CA GLU A 360 -10.00 4.07 16.71
C GLU A 360 -10.41 5.50 16.42
N ILE A 361 -11.68 5.69 16.06
CA ILE A 361 -12.28 7.01 15.92
C ILE A 361 -13.08 7.32 17.17
N ILE A 362 -12.89 8.55 17.67
CA ILE A 362 -13.52 9.00 18.90
C ILE A 362 -14.12 10.37 18.73
N GLN A 363 -15.01 10.70 19.66
CA GLN A 363 -15.41 12.08 19.90
C GLN A 363 -15.83 12.18 21.36
N ARG A 364 -15.36 13.23 22.03
CA ARG A 364 -15.67 13.44 23.43
C ARG A 364 -16.71 14.54 23.60
N VAL A 365 -17.62 14.34 24.56
CA VAL A 365 -18.62 15.34 24.92
C VAL A 365 -18.61 15.53 26.45
N GLY A 366 -18.45 16.79 26.89
CA GLY A 366 -18.40 17.15 28.29
C GLY A 366 -17.30 18.16 28.51
N CYS A 367 -16.95 18.34 29.78
CA CYS A 367 -15.72 19.01 30.20
C CYS A 367 -15.46 20.32 29.45
N MET A 368 -16.45 21.22 29.50
CA MET A 368 -16.35 22.52 28.85
C MET A 368 -15.72 23.62 29.72
N TYR A 377 -13.67 25.68 25.47
CA TYR A 377 -12.66 24.67 25.16
C TYR A 377 -12.90 23.38 25.93
N GLN A 378 -12.71 22.25 25.23
CA GLN A 378 -12.76 20.96 25.87
C GLN A 378 -11.41 20.63 26.53
N SER A 379 -11.47 19.90 27.64
CA SER A 379 -10.25 19.44 28.30
C SER A 379 -9.99 17.98 27.95
N GLY A 380 -8.72 17.63 27.83
CA GLY A 380 -8.35 16.35 27.25
C GLY A 380 -8.87 15.18 28.06
N GLY A 381 -8.92 14.03 27.38
CA GLY A 381 -9.32 12.79 28.03
C GLY A 381 -10.72 12.82 28.55
N CYS A 382 -11.52 13.79 28.11
CA CYS A 382 -12.86 13.95 28.58
C CYS A 382 -13.67 12.69 28.33
N GLY A 383 -14.09 12.03 29.39
CA GLY A 383 -14.85 10.80 29.24
C GLY A 383 -14.04 9.53 29.39
N GLY A 384 -12.72 9.63 29.54
CA GLY A 384 -11.90 8.44 29.68
C GLY A 384 -11.47 7.85 28.34
N PHE A 385 -11.24 6.53 28.35
CA PHE A 385 -10.66 5.82 27.22
C PHE A 385 -11.44 4.57 26.86
N GLY A 386 -12.58 4.31 27.51
CA GLY A 386 -13.46 3.24 27.13
C GLY A 386 -13.42 2.00 27.98
N LYS A 387 -12.64 2.01 29.07
CA LYS A 387 -12.48 0.80 29.88
C LYS A 387 -13.82 0.30 30.39
N GLY A 388 -14.81 1.18 30.53
CA GLY A 388 -16.13 0.72 30.93
C GLY A 388 -16.75 -0.27 29.97
N ASN A 389 -16.40 -0.17 28.68
CA ASN A 389 -16.98 -1.03 27.66
C ASN A 389 -16.41 -2.45 27.66
N PHE A 390 -15.40 -2.76 28.48
CA PHE A 390 -14.97 -4.15 28.59
C PHE A 390 -16.03 -5.00 29.29
N SER A 391 -16.51 -4.55 30.44
CA SER A 391 -17.61 -5.26 31.08
C SER A 391 -18.97 -4.87 30.48
N GLU A 392 -19.09 -3.72 29.83
CA GLU A 392 -20.35 -3.39 29.17
C GLU A 392 -20.66 -4.34 28.02
N LEU A 393 -19.62 -4.91 27.41
CA LEU A 393 -19.77 -5.72 26.22
C LEU A 393 -20.09 -7.16 26.57
N PHE A 394 -19.35 -7.73 27.52
CA PHE A 394 -19.68 -9.08 27.97
C PHE A 394 -21.06 -9.11 28.62
N LYS A 395 -21.40 -8.05 29.37
CA LYS A 395 -22.74 -7.97 29.95
C LYS A 395 -23.81 -8.03 28.87
N SER A 396 -23.57 -7.39 27.72
CA SER A 396 -24.57 -7.47 26.65
C SER A 396 -24.49 -8.78 25.89
N ILE A 397 -23.31 -9.42 25.81
CA ILE A 397 -23.21 -10.71 25.14
C ILE A 397 -23.99 -11.77 25.91
N GLU A 398 -24.00 -11.70 27.25
CA GLU A 398 -24.78 -12.64 28.04
C GLU A 398 -26.26 -12.47 27.81
N GLU A 399 -26.72 -11.22 27.70
CA GLU A 399 -28.15 -10.93 27.59
C GLU A 399 -28.69 -11.28 26.21
N TYR A 400 -27.91 -11.01 25.16
CA TYR A 400 -28.34 -11.35 23.80
C TYR A 400 -28.63 -12.85 23.65
N GLU A 401 -27.85 -13.68 24.35
CA GLU A 401 -28.06 -15.13 24.28
C GLU A 401 -29.48 -15.51 24.70
N LYS A 402 -29.94 -14.97 25.82
CA LYS A 402 -31.27 -15.28 26.34
C LYS A 402 -32.39 -14.83 25.40
N ASN B 2 4.72 -16.29 -38.25
CA ASN B 2 4.07 -17.16 -37.25
C ASN B 2 4.39 -18.63 -37.52
N PRO B 3 5.64 -19.03 -37.29
CA PRO B 3 6.02 -20.44 -37.52
C PRO B 3 5.31 -21.42 -36.59
N LYS B 4 4.58 -20.95 -35.58
CA LYS B 4 3.91 -21.81 -34.60
C LYS B 4 4.89 -22.82 -34.02
N SER B 5 6.01 -22.30 -33.49
CA SER B 5 7.16 -23.11 -33.10
C SER B 5 7.27 -23.33 -31.59
N ASP B 6 6.16 -23.30 -30.86
CA ASP B 6 6.21 -23.43 -29.40
C ASP B 6 6.59 -24.85 -28.98
N LYS B 7 7.58 -24.97 -28.11
CA LYS B 7 8.08 -26.24 -27.59
C LYS B 7 7.11 -26.93 -26.64
N PHE B 8 6.05 -26.26 -26.19
CA PHE B 8 4.97 -26.89 -25.44
C PHE B 8 3.70 -26.10 -25.70
N LYS B 9 2.60 -26.53 -25.09
CA LYS B 9 1.28 -25.98 -25.36
C LYS B 9 0.91 -24.95 -24.30
N VAL B 10 0.71 -23.70 -24.72
CA VAL B 10 0.35 -22.57 -23.86
C VAL B 10 -1.07 -22.10 -24.20
N LYS B 11 -1.89 -21.83 -23.17
CA LYS B 11 -3.26 -21.35 -23.35
C LYS B 11 -3.52 -20.09 -22.49
N ARG B 12 -2.97 -18.96 -22.94
CA ARG B 12 -3.20 -17.63 -22.33
C ARG B 12 -2.59 -17.42 -20.95
N PHE B 13 -2.36 -16.12 -20.66
CA PHE B 13 -1.97 -15.65 -19.33
C PHE B 13 -2.92 -16.15 -18.26
N HIS B 14 -2.37 -16.43 -17.08
CA HIS B 14 -3.15 -16.92 -15.97
C HIS B 14 -3.22 -15.96 -14.79
N HIS B 15 -2.12 -15.31 -14.43
CA HIS B 15 -2.14 -14.26 -13.39
C HIS B 15 -0.80 -13.57 -13.35
N ILE B 16 -0.82 -12.35 -12.83
CA ILE B 16 0.37 -11.55 -12.55
C ILE B 16 0.53 -11.49 -11.03
N GLU B 17 1.71 -11.83 -10.51
CA GLU B 17 1.95 -11.78 -9.05
C GLU B 17 2.94 -10.69 -8.69
N PHE B 18 2.49 -9.75 -7.84
CA PHE B 18 3.32 -8.72 -7.23
C PHE B 18 3.82 -9.19 -5.88
N TRP B 19 5.08 -8.93 -5.59
CA TRP B 19 5.63 -9.14 -4.25
C TRP B 19 5.69 -7.78 -3.56
N CYS B 20 5.15 -7.71 -2.36
CA CYS B 20 4.97 -6.44 -1.70
C CYS B 20 5.43 -6.57 -0.26
N GLY B 21 5.62 -5.42 0.36
CA GLY B 21 5.90 -5.36 1.78
C GLY B 21 4.65 -5.63 2.58
N ASP B 22 3.57 -4.90 2.29
CA ASP B 22 2.27 -5.14 2.91
C ASP B 22 1.21 -5.32 1.83
N ALA B 23 0.66 -6.54 1.76
CA ALA B 23 -0.21 -6.94 0.66
C ALA B 23 -1.63 -6.39 0.79
N THR B 24 -2.16 -6.26 2.02
CA THR B 24 -3.44 -5.61 2.24
C THR B 24 -3.50 -4.26 1.54
N ASN B 25 -2.51 -3.41 1.78
CA ASN B 25 -2.61 -2.02 1.31
C ASN B 25 -2.35 -1.85 -0.17
N VAL B 26 -1.49 -2.67 -0.76
CA VAL B 26 -1.34 -2.55 -2.21
C VAL B 26 -2.60 -3.03 -2.90
N ALA B 27 -3.16 -4.15 -2.44
CA ALA B 27 -4.30 -4.76 -3.12
C ALA B 27 -5.52 -3.86 -3.05
N ARG B 28 -5.72 -3.20 -1.89
CA ARG B 28 -6.83 -2.25 -1.75
C ARG B 28 -6.62 -1.02 -2.61
N ARG B 29 -5.39 -0.52 -2.71
CA ARG B 29 -5.18 0.59 -3.64
C ARG B 29 -5.50 0.16 -5.07
N PHE B 30 -4.92 -0.97 -5.51
CA PHE B 30 -5.14 -1.43 -6.89
C PHE B 30 -6.59 -1.74 -7.16
N SER B 31 -7.28 -2.36 -6.20
CA SER B 31 -8.70 -2.64 -6.36
C SER B 31 -9.49 -1.40 -6.75
N TRP B 32 -9.37 -0.36 -5.93
CA TRP B 32 -10.08 0.89 -6.15
C TRP B 32 -9.57 1.61 -7.40
N GLY B 33 -8.27 1.53 -7.66
CA GLY B 33 -7.73 2.30 -8.77
C GLY B 33 -8.09 1.74 -10.13
N LEU B 34 -8.37 0.44 -10.21
CA LEU B 34 -8.57 -0.22 -11.50
C LEU B 34 -9.93 -0.91 -11.65
N GLY B 35 -10.70 -1.03 -10.59
CA GLY B 35 -11.98 -1.67 -10.73
C GLY B 35 -11.82 -3.17 -10.73
N MET B 36 -11.10 -3.68 -9.75
CA MET B 36 -10.87 -5.11 -9.64
C MET B 36 -11.45 -5.57 -8.32
N ARG B 37 -11.96 -6.80 -8.33
CA ARG B 37 -12.71 -7.34 -7.21
C ARG B 37 -11.84 -8.31 -6.43
N PHE B 38 -11.85 -8.18 -5.11
CA PHE B 38 -11.29 -9.22 -4.26
C PHE B 38 -12.05 -10.53 -4.44
N SER B 39 -11.41 -11.55 -4.99
CA SER B 39 -12.10 -12.82 -5.20
C SER B 39 -11.60 -13.96 -4.35
N ALA B 40 -10.30 -14.00 -4.02
CA ALA B 40 -9.78 -15.11 -3.22
C ALA B 40 -8.68 -14.61 -2.31
N LYS B 41 -8.55 -15.25 -1.15
CA LYS B 41 -7.54 -14.91 -0.16
C LYS B 41 -6.78 -16.16 0.28
N SER B 42 -5.57 -15.94 0.80
CA SER B 42 -4.80 -16.99 1.47
C SER B 42 -3.92 -16.31 2.52
N ASP B 43 -4.29 -16.44 3.79
CA ASP B 43 -3.57 -15.77 4.87
C ASP B 43 -3.82 -16.51 6.17
N LEU B 44 -3.47 -15.86 7.29
CA LEU B 44 -3.70 -16.44 8.62
C LEU B 44 -5.12 -16.94 8.79
N SER B 45 -6.11 -16.23 8.23
CA SER B 45 -7.50 -16.63 8.38
C SER B 45 -7.80 -17.94 7.66
N THR B 46 -7.05 -18.28 6.63
CA THR B 46 -7.16 -19.57 5.96
C THR B 46 -6.06 -20.56 6.39
N GLY B 47 -5.37 -20.28 7.50
CA GLY B 47 -4.34 -21.17 8.00
C GLY B 47 -2.98 -21.03 7.35
N ASN B 48 -2.68 -19.90 6.76
CA ASN B 48 -1.40 -19.62 6.15
C ASN B 48 -0.56 -18.83 7.17
N MET B 49 0.50 -19.47 7.67
CA MET B 49 1.44 -18.87 8.61
C MET B 49 2.61 -18.23 7.90
N VAL B 50 2.67 -18.34 6.58
CA VAL B 50 3.87 -18.02 5.82
C VAL B 50 3.73 -16.70 5.09
N HIS B 51 2.77 -16.60 4.17
CA HIS B 51 2.53 -15.36 3.43
C HIS B 51 1.05 -14.99 3.45
N ALA B 52 0.76 -13.71 3.17
CA ALA B 52 -0.59 -13.21 2.95
C ALA B 52 -0.76 -12.88 1.47
N SER B 53 -1.83 -13.38 0.86
CA SER B 53 -2.05 -13.27 -0.58
C SER B 53 -3.50 -12.94 -0.90
N TYR B 54 -3.70 -12.01 -1.83
CA TYR B 54 -5.04 -11.54 -2.18
C TYR B 54 -5.13 -11.44 -3.69
N LEU B 55 -6.17 -12.06 -4.26
CA LEU B 55 -6.40 -12.11 -5.69
C LEU B 55 -7.41 -11.04 -6.07
N LEU B 56 -7.02 -10.15 -6.98
CA LEU B 56 -7.96 -9.27 -7.68
C LEU B 56 -8.28 -9.86 -9.04
N THR B 57 -9.52 -9.69 -9.50
CA THR B 57 -9.96 -10.14 -10.82
C THR B 57 -10.86 -9.08 -11.46
N SER B 58 -10.60 -8.78 -12.74
CA SER B 58 -11.53 -8.02 -13.57
C SER B 58 -11.65 -8.74 -14.90
N GLY B 59 -12.72 -9.48 -15.10
CA GLY B 59 -12.86 -10.32 -16.28
C GLY B 59 -12.01 -11.56 -16.19
N ASP B 60 -10.96 -11.63 -17.02
CA ASP B 60 -9.96 -12.69 -16.98
C ASP B 60 -8.65 -12.24 -16.33
N LEU B 61 -8.53 -10.95 -16.02
CA LEU B 61 -7.33 -10.45 -15.40
C LEU B 61 -7.30 -10.92 -13.96
N ARG B 62 -6.16 -11.48 -13.55
CA ARG B 62 -5.96 -11.96 -12.19
C ARG B 62 -4.70 -11.32 -11.66
N PHE B 63 -4.84 -10.35 -10.75
CA PHE B 63 -3.73 -9.77 -10.02
C PHE B 63 -3.65 -10.41 -8.63
N LEU B 64 -2.46 -10.86 -8.27
CA LEU B 64 -2.22 -11.46 -6.97
C LEU B 64 -1.12 -10.69 -6.24
N PHE B 65 -1.29 -10.54 -4.93
CA PHE B 65 -0.44 -9.66 -4.12
C PHE B 65 -0.01 -10.45 -2.90
N THR B 66 1.31 -10.61 -2.72
CA THR B 66 1.89 -11.46 -1.67
C THR B 66 2.94 -10.68 -0.88
N ALA B 67 2.83 -10.73 0.44
CA ALA B 67 3.83 -10.27 1.38
C ALA B 67 4.07 -11.35 2.41
N PRO B 68 5.24 -11.35 3.06
CA PRO B 68 5.53 -12.38 4.05
C PRO B 68 5.11 -11.99 5.46
N TYR B 69 4.78 -13.00 6.26
CA TYR B 69 4.63 -12.82 7.71
C TYR B 69 6.00 -12.79 8.40
N SER B 70 6.02 -12.66 9.71
CA SER B 70 7.26 -12.84 10.44
C SER B 70 7.69 -14.29 10.29
N PRO B 71 8.98 -14.57 10.12
CA PRO B 71 9.40 -15.96 9.98
C PRO B 71 9.20 -16.74 11.26
N SER B 72 9.15 -16.06 12.40
CA SER B 72 8.83 -16.72 13.65
C SER B 72 7.51 -17.46 13.57
N LEU B 73 6.48 -16.82 13.00
CA LEU B 73 5.18 -17.46 12.84
C LEU B 73 5.31 -18.86 12.27
N SER B 74 6.22 -19.06 11.31
CA SER B 74 6.41 -20.35 10.65
C SER B 74 7.74 -20.99 11.03
N ALA B 75 8.17 -20.80 12.28
CA ALA B 75 9.50 -21.26 12.68
C ALA B 75 9.57 -22.78 12.84
N GLY B 76 8.44 -23.43 13.13
CA GLY B 76 8.42 -24.88 13.31
C GLY B 76 8.06 -25.63 12.06
N GLU B 77 8.19 -24.98 10.90
CA GLU B 77 7.95 -25.60 9.63
C GLU B 77 9.23 -25.57 8.79
N ILE B 78 9.38 -26.60 7.96
CA ILE B 78 10.36 -26.59 6.88
C ILE B 78 9.58 -26.49 5.55
N LYS B 79 10.27 -26.72 4.43
CA LYS B 79 9.66 -26.53 3.11
C LYS B 79 8.59 -27.56 2.71
N PRO B 80 8.67 -28.82 3.16
CA PRO B 80 7.59 -29.76 2.84
C PRO B 80 6.45 -29.72 3.85
N THR B 81 6.73 -29.21 5.07
CA THR B 81 5.73 -29.08 6.12
C THR B 81 5.05 -27.70 6.15
N THR B 82 5.32 -26.86 5.15
CA THR B 82 4.89 -25.47 5.21
C THR B 82 3.38 -25.36 5.11
N THR B 83 2.86 -24.32 5.78
CA THR B 83 1.45 -23.95 5.66
C THR B 83 1.18 -23.07 4.46
N ALA B 84 2.20 -22.75 3.66
CA ALA B 84 2.06 -21.80 2.56
C ALA B 84 1.27 -22.42 1.41
N SER B 85 0.33 -21.64 0.86
CA SER B 85 -0.47 -22.13 -0.24
C SER B 85 0.24 -22.03 -1.57
N ILE B 86 1.26 -21.18 -1.67
CA ILE B 86 2.04 -21.10 -2.89
C ILE B 86 3.46 -21.53 -2.55
N PRO B 87 3.78 -22.82 -2.70
CA PRO B 87 4.98 -23.36 -2.04
C PRO B 87 6.30 -22.96 -2.68
N SER B 88 6.31 -22.30 -3.85
CA SER B 88 7.58 -21.74 -4.32
C SER B 88 7.98 -20.48 -3.54
N PHE B 89 7.15 -20.03 -2.61
CA PHE B 89 7.48 -18.83 -1.85
C PHE B 89 8.68 -19.11 -0.94
N ASP B 90 9.31 -18.02 -0.48
CA ASP B 90 10.50 -18.06 0.37
C ASP B 90 10.75 -16.68 1.00
N HIS B 91 10.74 -16.60 2.34
CA HIS B 91 10.95 -15.33 3.04
C HIS B 91 12.17 -14.56 2.50
N GLY B 92 13.34 -15.20 2.46
CA GLY B 92 14.56 -14.50 2.10
C GLY B 92 14.59 -14.00 0.66
N SER B 93 14.10 -14.82 -0.27
CA SER B 93 13.93 -14.37 -1.65
C SER B 93 13.03 -13.13 -1.70
N CYS B 94 11.87 -13.22 -1.07
CA CYS B 94 10.87 -12.16 -1.14
C CYS B 94 11.41 -10.85 -0.57
N ARG B 95 11.98 -10.89 0.64
CA ARG B 95 12.55 -9.68 1.22
C ARG B 95 13.71 -9.18 0.38
N SER B 96 14.53 -10.09 -0.17
CA SER B 96 15.61 -9.70 -1.06
C SER B 96 15.08 -8.99 -2.30
N PHE B 97 14.12 -9.64 -2.99
CA PHE B 97 13.46 -9.05 -4.16
C PHE B 97 12.97 -7.65 -3.87
N PHE B 98 12.22 -7.50 -2.77
CA PHE B 98 11.63 -6.20 -2.47
C PHE B 98 12.67 -5.17 -2.07
N SER B 99 13.66 -5.56 -1.26
CA SER B 99 14.70 -4.61 -0.87
C SER B 99 15.52 -4.17 -2.06
N SER B 100 15.70 -5.03 -3.04
CA SER B 100 16.46 -4.66 -4.23
C SER B 100 15.63 -3.82 -5.21
N HIS B 101 14.41 -4.27 -5.55
CA HIS B 101 13.67 -3.72 -6.68
C HIS B 101 12.50 -2.82 -6.32
N GLY B 102 11.98 -2.88 -5.08
CA GLY B 102 10.77 -2.16 -4.72
C GLY B 102 9.53 -3.00 -5.02
N LEU B 103 8.39 -2.33 -5.14
CA LEU B 103 7.17 -3.04 -5.50
C LEU B 103 7.18 -3.37 -6.99
N GLY B 104 6.83 -4.61 -7.33
CA GLY B 104 6.90 -5.02 -8.72
C GLY B 104 6.46 -6.45 -8.91
N VAL B 105 6.57 -6.89 -10.16
CA VAL B 105 6.11 -8.21 -10.57
C VAL B 105 7.22 -9.23 -10.37
N ARG B 106 6.90 -10.29 -9.62
CA ARG B 106 7.74 -11.44 -9.43
C ARG B 106 7.41 -12.57 -10.41
N ALA B 107 6.15 -12.71 -10.82
CA ALA B 107 5.75 -13.89 -11.56
C ALA B 107 4.84 -13.52 -12.71
N VAL B 108 5.27 -13.78 -13.93
CA VAL B 108 4.36 -13.82 -15.08
C VAL B 108 3.91 -15.27 -15.26
N ALA B 109 2.63 -15.53 -15.05
CA ALA B 109 2.10 -16.90 -14.96
C ALA B 109 1.25 -17.22 -16.17
N ILE B 110 1.63 -18.28 -16.89
CA ILE B 110 0.90 -18.73 -18.06
C ILE B 110 0.29 -20.10 -17.79
N GLU B 111 -0.91 -20.30 -18.30
CA GLU B 111 -1.58 -21.60 -18.27
C GLU B 111 -1.06 -22.47 -19.41
N VAL B 112 -0.72 -23.71 -19.08
CA VAL B 112 -0.13 -24.64 -20.04
C VAL B 112 -0.85 -25.96 -19.86
N GLU B 113 -0.72 -26.83 -20.88
CA GLU B 113 -1.40 -28.12 -20.77
C GLU B 113 -0.80 -28.96 -19.66
N ASP B 114 0.53 -28.95 -19.52
CA ASP B 114 1.20 -29.70 -18.44
C ASP B 114 2.39 -28.91 -17.91
N ALA B 115 2.36 -28.60 -16.61
CA ALA B 115 3.43 -27.82 -15.98
C ALA B 115 4.70 -28.64 -15.81
N GLU B 116 4.57 -29.88 -15.32
CA GLU B 116 5.70 -30.78 -15.18
C GLU B 116 6.48 -30.88 -16.50
N SER B 117 5.82 -31.38 -17.54
CA SER B 117 6.32 -31.35 -18.91
C SER B 117 7.00 -30.03 -19.25
N ALA B 118 6.22 -28.93 -19.21
CA ALA B 118 6.70 -27.62 -19.61
C ALA B 118 8.00 -27.24 -18.91
N PHE B 119 8.09 -27.57 -17.63
CA PHE B 119 9.31 -27.32 -16.87
C PHE B 119 10.46 -28.17 -17.42
N SER B 120 10.22 -29.46 -17.64
CA SER B 120 11.25 -30.34 -18.18
C SER B 120 11.70 -29.89 -19.56
N ILE B 121 10.76 -29.49 -20.41
CA ILE B 121 11.14 -29.08 -21.75
C ILE B 121 11.87 -27.74 -21.74
N SER B 122 11.56 -26.88 -20.76
CA SER B 122 12.22 -25.57 -20.71
C SER B 122 13.68 -25.69 -20.28
N VAL B 123 13.94 -26.41 -19.18
CA VAL B 123 15.33 -26.52 -18.71
C VAL B 123 16.19 -27.26 -19.72
N ALA B 124 15.60 -28.24 -20.41
CA ALA B 124 16.32 -29.00 -21.43
C ALA B 124 16.63 -28.18 -22.67
N ASN B 125 15.96 -27.05 -22.84
CA ASN B 125 16.30 -26.11 -23.89
C ASN B 125 16.94 -24.82 -23.35
N GLY B 126 17.47 -24.86 -22.12
CA GLY B 126 18.32 -23.78 -21.61
C GLY B 126 17.76 -22.94 -20.48
N ALA B 127 16.54 -23.18 -20.02
CA ALA B 127 15.96 -22.34 -18.98
C ALA B 127 16.61 -22.61 -17.62
N ILE B 128 16.94 -21.53 -16.92
CA ILE B 128 17.38 -21.63 -15.53
C ILE B 128 16.20 -22.00 -14.65
N PRO B 129 16.25 -23.12 -13.94
CA PRO B 129 15.14 -23.46 -13.04
C PRO B 129 15.10 -22.53 -11.84
N SER B 130 13.89 -22.10 -11.49
CA SER B 130 13.67 -21.39 -10.25
C SER B 130 12.94 -22.23 -9.20
N SER B 131 11.85 -22.89 -9.58
CA SER B 131 11.14 -23.73 -8.66
C SER B 131 10.75 -25.00 -9.37
N PRO B 132 10.99 -26.17 -8.77
CA PRO B 132 10.64 -27.45 -9.41
C PRO B 132 9.13 -27.61 -9.48
N PRO B 133 8.62 -28.60 -10.22
CA PRO B 133 7.17 -28.84 -10.24
C PRO B 133 6.65 -29.33 -8.88
N ILE B 134 5.56 -28.69 -8.42
CA ILE B 134 4.87 -28.99 -7.16
C ILE B 134 3.37 -29.03 -7.43
N VAL B 135 2.66 -30.00 -6.86
CA VAL B 135 1.24 -30.21 -7.11
C VAL B 135 0.46 -29.97 -5.82
N LEU B 136 -0.68 -29.31 -5.96
CA LEU B 136 -1.53 -28.86 -4.85
C LEU B 136 -2.75 -29.77 -4.79
N ASN B 137 -2.96 -30.44 -3.65
CA ASN B 137 -4.19 -31.17 -3.36
C ASN B 137 -4.61 -31.96 -4.60
N GLU B 138 -3.63 -32.59 -5.26
CA GLU B 138 -3.89 -33.49 -6.40
C GLU B 138 -4.82 -32.85 -7.45
N ALA B 139 -4.64 -31.53 -7.69
CA ALA B 139 -5.43 -30.84 -8.70
C ALA B 139 -4.60 -29.92 -9.58
N VAL B 140 -3.88 -28.98 -8.99
CA VAL B 140 -3.15 -27.96 -9.76
C VAL B 140 -1.66 -28.17 -9.56
N THR B 141 -0.90 -28.04 -10.65
CA THR B 141 0.54 -28.16 -10.68
C THR B 141 1.17 -26.80 -10.99
N ILE B 142 2.24 -26.46 -10.29
CA ILE B 142 2.89 -25.17 -10.47
C ILE B 142 4.40 -25.36 -10.64
N ALA B 143 5.00 -24.50 -11.47
CA ALA B 143 6.44 -24.53 -11.66
C ALA B 143 6.94 -23.16 -12.09
N GLU B 144 8.21 -22.88 -11.76
CA GLU B 144 8.81 -21.58 -12.07
C GLU B 144 10.18 -21.76 -12.71
N VAL B 145 10.36 -21.13 -13.87
CA VAL B 145 11.65 -20.97 -14.51
C VAL B 145 11.97 -19.49 -14.49
N LYS B 146 13.25 -19.16 -14.67
CA LYS B 146 13.68 -17.77 -14.67
C LYS B 146 13.35 -17.10 -16.00
N LEU B 147 12.86 -15.86 -15.93
CA LEU B 147 12.46 -15.10 -17.12
C LEU B 147 13.46 -14.00 -17.44
N TYR B 148 13.49 -12.93 -16.63
CA TYR B 148 14.56 -11.93 -16.64
C TYR B 148 14.62 -11.29 -15.27
N GLY B 149 15.78 -10.70 -14.94
CA GLY B 149 16.00 -10.16 -13.62
C GLY B 149 15.68 -11.15 -12.51
N ASP B 150 14.77 -10.82 -11.61
CA ASP B 150 14.27 -11.79 -10.64
C ASP B 150 12.80 -12.10 -10.89
N VAL B 151 12.38 -12.02 -12.16
CA VAL B 151 11.00 -12.27 -12.57
C VAL B 151 10.92 -13.66 -13.18
N VAL B 152 10.11 -14.51 -12.59
CA VAL B 152 9.95 -15.88 -13.05
C VAL B 152 8.76 -15.95 -14.02
N LEU B 153 8.84 -16.89 -14.94
CA LEU B 153 7.70 -17.32 -15.74
C LEU B 153 7.09 -18.54 -15.06
N ARG B 154 5.78 -18.55 -14.89
CA ARG B 154 5.12 -19.53 -14.04
C ARG B 154 4.16 -20.38 -14.87
N TYR B 155 4.12 -21.67 -14.57
CA TYR B 155 3.31 -22.66 -15.30
C TYR B 155 2.24 -23.22 -14.36
N VAL B 156 0.98 -22.92 -14.66
CA VAL B 156 -0.17 -23.49 -13.99
C VAL B 156 -0.78 -24.52 -14.92
N SER B 157 -1.04 -25.72 -14.41
CA SER B 157 -1.74 -26.75 -15.15
C SER B 157 -2.79 -27.38 -14.26
N TYR B 158 -3.86 -27.85 -14.88
CA TYR B 158 -4.99 -28.46 -14.18
C TYR B 158 -5.07 -29.95 -14.51
N LYS B 159 -5.50 -30.73 -13.53
CA LYS B 159 -5.77 -32.15 -13.73
C LYS B 159 -7.17 -32.32 -14.30
N ALA B 160 -8.20 -32.26 -13.46
CA ALA B 160 -9.57 -32.36 -13.93
C ALA B 160 -10.06 -31.04 -14.53
N GLU B 167 -11.76 -19.65 -6.11
CA GLU B 167 -11.28 -20.94 -6.61
C GLU B 167 -10.04 -20.74 -7.51
N PHE B 168 -9.01 -20.14 -6.94
CA PHE B 168 -7.79 -19.80 -7.65
C PHE B 168 -6.84 -20.99 -7.64
N LEU B 169 -6.20 -21.20 -6.50
CA LEU B 169 -5.39 -22.36 -6.21
C LEU B 169 -5.94 -23.05 -4.97
N PRO B 170 -5.66 -24.34 -4.80
CA PRO B 170 -6.02 -25.01 -3.54
C PRO B 170 -5.43 -24.27 -2.35
N GLY B 171 -6.20 -24.24 -1.25
CA GLY B 171 -5.76 -23.53 -0.06
C GLY B 171 -5.98 -22.03 -0.12
N PHE B 172 -6.50 -21.51 -1.20
CA PHE B 172 -7.13 -20.20 -1.20
C PHE B 172 -8.60 -20.39 -0.89
N GLU B 173 -9.19 -19.41 -0.21
CA GLU B 173 -10.63 -19.37 -0.02
C GLU B 173 -11.25 -18.29 -0.89
N ARG B 174 -12.46 -18.53 -1.34
CA ARG B 174 -13.23 -17.58 -2.09
C ARG B 174 -13.59 -16.49 -1.11
N VAL B 175 -13.68 -15.27 -1.59
CA VAL B 175 -13.81 -14.14 -0.68
C VAL B 175 -15.28 -13.84 -0.41
N GLU B 176 -15.64 -13.76 0.88
CA GLU B 176 -17.02 -13.49 1.29
C GLU B 176 -17.52 -12.20 0.66
N ASP B 177 -18.59 -12.31 -0.11
CA ASP B 177 -19.00 -11.25 -1.03
C ASP B 177 -19.42 -9.96 -0.33
N ALA B 178 -19.40 -9.96 0.99
CA ALA B 178 -19.79 -8.82 1.83
C ALA B 178 -18.64 -7.92 2.19
N SER B 179 -17.53 -8.14 1.51
CA SER B 179 -16.28 -7.42 1.73
C SER B 179 -15.59 -7.12 0.42
N SER B 180 -16.13 -7.67 -0.64
CA SER B 180 -15.65 -7.52 -1.99
C SER B 180 -16.87 -7.02 -2.71
N PHE B 181 -16.84 -5.74 -3.03
CA PHE B 181 -17.88 -5.00 -3.70
C PHE B 181 -17.67 -5.11 -5.19
N PRO B 182 -18.72 -5.45 -5.93
CA PRO B 182 -18.72 -5.61 -7.37
C PRO B 182 -18.18 -4.40 -8.10
N LEU B 183 -16.90 -4.36 -8.35
CA LEU B 183 -16.29 -3.22 -8.99
C LEU B 183 -15.92 -3.61 -10.34
N ASP B 184 -16.09 -2.69 -11.28
CA ASP B 184 -15.77 -2.93 -12.65
C ASP B 184 -15.72 -1.70 -13.50
N TYR B 185 -14.56 -1.40 -14.04
CA TYR B 185 -14.41 -0.30 -14.94
C TYR B 185 -14.11 -0.75 -16.37
N GLY B 186 -14.31 -2.03 -16.68
CA GLY B 186 -14.23 -2.57 -18.02
C GLY B 186 -12.96 -3.35 -18.39
N ILE B 187 -12.01 -3.51 -17.48
CA ILE B 187 -10.79 -4.24 -17.82
C ILE B 187 -11.10 -5.73 -17.82
N ARG B 188 -10.52 -6.44 -18.78
CA ARG B 188 -10.93 -7.81 -19.04
C ARG B 188 -9.78 -8.78 -19.24
N ARG B 189 -8.63 -8.34 -19.74
CA ARG B 189 -7.55 -9.27 -20.06
C ARG B 189 -6.20 -8.62 -19.84
N LEU B 190 -5.22 -9.45 -19.45
CA LEU B 190 -3.82 -9.13 -19.70
C LEU B 190 -3.53 -9.32 -21.20
N ASP B 191 -3.00 -8.27 -21.83
CA ASP B 191 -2.70 -8.29 -23.26
C ASP B 191 -1.23 -8.44 -23.58
N HIS B 192 -0.34 -7.77 -22.85
CA HIS B 192 1.06 -8.13 -22.92
C HIS B 192 1.75 -7.70 -21.63
N ALA B 193 2.81 -8.43 -21.30
CA ALA B 193 3.73 -8.10 -20.21
C ALA B 193 5.10 -7.83 -20.83
N VAL B 194 5.70 -6.70 -20.47
CA VAL B 194 6.95 -6.24 -21.08
C VAL B 194 8.05 -6.15 -20.03
N GLY B 195 9.26 -6.55 -20.42
CA GLY B 195 10.43 -6.50 -19.56
C GLY B 195 11.52 -5.61 -20.10
N ASN B 196 12.17 -4.86 -19.20
CA ASN B 196 13.33 -4.01 -19.49
C ASN B 196 14.63 -4.76 -19.16
N VAL B 197 15.60 -4.72 -20.06
CA VAL B 197 16.85 -5.46 -19.90
C VAL B 197 18.01 -4.61 -20.43
N PRO B 198 19.28 -4.98 -20.05
CA PRO B 198 20.43 -4.24 -20.57
C PRO B 198 20.80 -4.59 -22.00
N GLU B 199 20.68 -5.87 -22.38
CA GLU B 199 21.01 -6.36 -23.71
C GLU B 199 19.86 -7.22 -24.22
N LEU B 200 19.20 -6.76 -25.29
CA LEU B 200 18.04 -7.48 -25.83
C LEU B 200 18.44 -8.82 -26.45
N GLY B 201 19.40 -8.81 -27.37
CA GLY B 201 19.97 -10.00 -27.99
C GLY B 201 20.08 -11.22 -27.08
N PRO B 202 20.83 -11.09 -25.99
CA PRO B 202 20.93 -12.22 -25.06
C PRO B 202 19.60 -12.64 -24.42
N ALA B 203 18.75 -11.68 -24.04
CA ALA B 203 17.50 -12.05 -23.39
C ALA B 203 16.55 -12.72 -24.38
N LEU B 204 16.44 -12.18 -25.60
CA LEU B 204 15.60 -12.81 -26.61
C LEU B 204 16.09 -14.21 -26.93
N THR B 205 17.39 -14.35 -27.17
CA THR B 205 17.97 -15.65 -27.50
C THR B 205 17.67 -16.68 -26.41
N TYR B 206 17.80 -16.28 -25.14
CA TYR B 206 17.56 -17.24 -24.07
C TYR B 206 16.08 -17.59 -23.95
N VAL B 207 15.20 -16.62 -24.12
CA VAL B 207 13.78 -16.82 -23.81
C VAL B 207 13.02 -17.44 -24.98
N ALA B 208 13.29 -17.04 -26.23
CA ALA B 208 12.71 -17.78 -27.33
C ALA B 208 13.30 -19.20 -27.43
N GLY B 209 14.49 -19.41 -26.86
CA GLY B 209 15.09 -20.74 -26.85
C GLY B 209 14.28 -21.77 -26.07
N PHE B 210 13.87 -21.43 -24.84
CA PHE B 210 13.22 -22.45 -24.03
C PHE B 210 11.71 -22.46 -24.17
N THR B 211 11.14 -21.61 -25.04
CA THR B 211 9.71 -21.59 -25.32
C THR B 211 9.37 -21.84 -26.77
N GLY B 212 10.30 -21.60 -27.68
CA GLY B 212 9.94 -21.64 -29.08
C GLY B 212 9.01 -20.54 -29.49
N PHE B 213 8.91 -19.47 -28.71
CA PHE B 213 8.12 -18.32 -29.15
C PHE B 213 8.80 -17.65 -30.35
N HIS B 214 8.01 -17.18 -31.28
CA HIS B 214 8.55 -16.56 -32.48
C HIS B 214 8.54 -15.04 -32.33
N GLN B 215 9.34 -14.38 -33.17
CA GLN B 215 9.33 -12.93 -33.19
C GLN B 215 8.11 -12.42 -33.94
N PHE B 216 7.46 -11.43 -33.36
CA PHE B 216 6.23 -10.89 -33.89
C PHE B 216 6.55 -9.81 -34.92
N ALA B 217 5.66 -9.67 -35.90
CA ALA B 217 5.82 -8.71 -37.01
C ALA B 217 5.57 -7.26 -36.59
N GLU B 228 16.94 5.93 -32.85
CA GLU B 228 15.64 5.70 -32.23
C GLU B 228 15.37 6.76 -31.17
N SER B 229 14.41 6.47 -30.29
CA SER B 229 14.01 7.39 -29.23
C SER B 229 14.24 6.79 -27.85
N GLY B 230 15.36 6.08 -27.69
CA GLY B 230 15.79 5.59 -26.40
C GLY B 230 15.68 4.09 -26.20
N LEU B 231 15.10 3.34 -27.12
CA LEU B 231 14.96 1.91 -26.91
C LEU B 231 14.96 1.15 -28.22
N ASN B 232 15.24 -0.15 -28.09
CA ASN B 232 15.01 -1.14 -29.11
C ASN B 232 14.17 -2.25 -28.51
N SER B 233 13.34 -2.87 -29.33
CA SER B 233 12.31 -3.71 -28.77
C SER B 233 11.97 -4.83 -29.74
N ALA B 234 11.69 -6.00 -29.18
CA ALA B 234 11.11 -7.10 -29.93
C ALA B 234 10.12 -7.84 -29.06
N VAL B 235 9.16 -8.48 -29.71
CA VAL B 235 8.09 -9.19 -29.04
C VAL B 235 8.26 -10.68 -29.29
N LEU B 236 8.04 -11.48 -28.25
CA LEU B 236 7.96 -12.92 -28.37
C LEU B 236 6.52 -13.36 -28.16
N ALA B 237 6.08 -14.34 -28.96
CA ALA B 237 4.67 -14.68 -29.06
C ALA B 237 4.47 -16.19 -29.08
N SER B 238 3.28 -16.61 -28.63
CA SER B 238 2.88 -18.00 -28.68
C SER B 238 2.30 -18.33 -30.04
N ASN B 239 1.87 -19.59 -30.22
CA ASN B 239 1.38 -20.06 -31.52
C ASN B 239 0.21 -19.24 -32.01
N ASP B 240 -0.78 -19.03 -31.13
CA ASP B 240 -1.95 -18.21 -31.43
C ASP B 240 -1.74 -16.73 -31.13
N GLU B 241 -0.55 -16.35 -30.62
CA GLU B 241 -0.20 -14.95 -30.34
C GLU B 241 -1.17 -14.29 -29.36
N MET B 242 -1.58 -15.06 -28.34
CA MET B 242 -2.36 -14.55 -27.22
C MET B 242 -1.51 -14.30 -25.99
N VAL B 243 -0.34 -14.94 -25.90
CA VAL B 243 0.70 -14.58 -24.96
C VAL B 243 1.72 -13.76 -25.74
N LEU B 244 1.90 -12.50 -25.34
CA LEU B 244 2.86 -11.59 -25.93
C LEU B 244 3.81 -11.08 -24.86
N LEU B 245 5.12 -11.19 -25.11
CA LEU B 245 6.15 -10.79 -24.15
C LEU B 245 7.20 -9.92 -24.82
N PRO B 246 6.92 -8.62 -24.99
CA PRO B 246 7.94 -7.73 -25.53
C PRO B 246 9.09 -7.53 -24.56
N ILE B 247 10.26 -7.20 -25.11
CA ILE B 247 11.45 -6.91 -24.29
C ILE B 247 12.18 -5.70 -24.88
N ASN B 248 12.58 -4.77 -24.01
CA ASN B 248 13.27 -3.57 -24.45
C ASN B 248 14.67 -3.51 -23.86
N GLU B 249 15.53 -2.78 -24.57
CA GLU B 249 16.84 -2.40 -24.10
C GLU B 249 17.02 -0.91 -24.35
N PRO B 250 18.00 -0.28 -23.72
CA PRO B 250 18.20 1.15 -23.92
C PRO B 250 19.04 1.46 -25.15
N VAL B 251 18.88 2.69 -25.64
CA VAL B 251 19.71 3.27 -26.68
C VAL B 251 20.39 4.49 -26.07
N HIS B 252 21.70 4.41 -25.88
CA HIS B 252 22.44 5.40 -25.11
C HIS B 252 23.06 6.47 -26.00
N GLY B 253 23.57 7.52 -25.34
CA GLY B 253 24.18 8.65 -26.00
C GLY B 253 23.20 9.64 -26.60
N THR B 254 21.91 9.32 -26.61
CA THR B 254 20.89 10.12 -27.26
C THR B 254 20.79 11.52 -26.63
N LYS B 255 20.03 12.40 -27.31
CA LYS B 255 19.89 13.79 -26.87
C LYS B 255 19.31 13.87 -25.46
N ARG B 256 18.15 13.27 -25.26
CA ARG B 256 17.67 12.95 -23.91
C ARG B 256 18.19 11.58 -23.50
N LYS B 257 18.12 11.29 -22.20
CA LYS B 257 18.56 9.99 -21.69
C LYS B 257 17.41 9.00 -21.74
N SER B 258 17.75 7.73 -21.96
CA SER B 258 16.73 6.71 -22.23
C SER B 258 15.97 6.34 -20.97
N GLN B 259 14.65 6.44 -21.06
CA GLN B 259 13.73 5.96 -20.04
C GLN B 259 14.01 4.51 -19.69
N ILE B 260 14.43 3.70 -20.65
CA ILE B 260 14.81 2.33 -20.32
C ILE B 260 15.96 2.35 -19.33
N GLN B 261 16.95 3.21 -19.58
CA GLN B 261 18.10 3.28 -18.69
C GLN B 261 17.68 3.71 -17.29
N THR B 262 16.79 4.69 -17.19
CA THR B 262 16.32 5.13 -15.88
C THR B 262 15.64 3.99 -15.13
N TYR B 263 14.89 3.16 -15.85
CA TYR B 263 14.26 2.02 -15.20
C TYR B 263 15.32 1.16 -14.52
N LEU B 264 16.36 0.76 -15.27
CA LEU B 264 17.30 -0.24 -14.79
C LEU B 264 18.06 0.27 -13.56
N GLU B 265 18.40 1.55 -13.57
CA GLU B 265 19.03 2.18 -12.41
C GLU B 265 18.13 2.07 -11.17
N HIS B 266 16.92 2.63 -11.24
CA HIS B 266 16.05 2.62 -10.07
C HIS B 266 15.47 1.26 -9.75
N ASN B 267 15.44 0.32 -10.71
CA ASN B 267 15.05 -1.05 -10.37
C ASN B 267 16.22 -1.93 -9.92
N GLU B 268 17.45 -1.44 -9.96
CA GLU B 268 18.63 -2.30 -9.77
C GLU B 268 18.55 -3.51 -10.70
N GLY B 269 18.42 -3.24 -11.99
CA GLY B 269 18.57 -4.26 -12.99
C GLY B 269 17.30 -4.52 -13.78
N ALA B 270 17.43 -5.45 -14.71
CA ALA B 270 16.33 -6.03 -15.46
C ALA B 270 15.11 -6.28 -14.59
N GLY B 271 13.93 -6.08 -15.17
CA GLY B 271 12.69 -6.34 -14.49
C GLY B 271 11.52 -6.08 -15.42
N LEU B 272 10.33 -6.28 -14.88
CA LEU B 272 9.11 -6.10 -15.66
C LEU B 272 8.76 -4.61 -15.78
N GLN B 273 8.83 -4.08 -17.00
CA GLN B 273 8.55 -2.68 -17.20
C GLN B 273 7.06 -2.37 -17.03
N HIS B 274 6.18 -2.88 -17.91
CA HIS B 274 4.78 -2.51 -17.81
C HIS B 274 3.84 -3.69 -18.13
N LEU B 275 2.64 -3.60 -17.60
CA LEU B 275 1.57 -4.55 -17.87
C LEU B 275 0.49 -3.81 -18.65
N ALA B 276 -0.04 -4.45 -19.69
CA ALA B 276 -1.01 -3.80 -20.55
C ALA B 276 -2.34 -4.52 -20.36
N LEU B 277 -3.37 -3.78 -19.96
CA LEU B 277 -4.67 -4.35 -19.65
C LEU B 277 -5.67 -4.01 -20.76
N MET B 278 -6.32 -5.03 -21.32
CA MET B 278 -7.29 -4.88 -22.39
C MET B 278 -8.65 -4.48 -21.84
N SER B 279 -9.23 -3.43 -22.42
CA SER B 279 -10.52 -2.91 -22.02
C SER B 279 -11.55 -3.17 -23.11
N GLU B 280 -12.74 -3.64 -22.71
CA GLU B 280 -13.83 -3.76 -23.67
C GLU B 280 -14.45 -2.42 -24.01
N ASP B 281 -14.01 -1.33 -23.37
CA ASP B 281 -14.43 0.04 -23.68
C ASP B 281 -13.44 1.00 -23.02
N ILE B 282 -12.38 1.37 -23.74
CA ILE B 282 -11.27 2.09 -23.13
C ILE B 282 -11.72 3.45 -22.63
N PHE B 283 -12.78 4.01 -23.21
CA PHE B 283 -13.28 5.31 -22.78
C PHE B 283 -14.01 5.20 -21.45
N ARG B 284 -14.78 4.12 -21.25
CA ARG B 284 -15.36 3.85 -19.94
C ARG B 284 -14.27 3.67 -18.89
N THR B 285 -13.24 2.90 -19.22
CA THR B 285 -12.20 2.61 -18.26
C THR B 285 -11.45 3.87 -17.86
N LEU B 286 -11.07 4.67 -18.85
CA LEU B 286 -10.33 5.90 -18.60
C LEU B 286 -11.13 6.88 -17.77
N ARG B 287 -12.43 7.03 -18.09
CA ARG B 287 -13.27 7.92 -17.31
C ARG B 287 -13.27 7.50 -15.86
N GLU B 288 -13.61 6.23 -15.60
CA GLU B 288 -13.67 5.76 -14.22
C GLU B 288 -12.33 5.94 -13.53
N MET B 289 -11.24 5.56 -14.21
CA MET B 289 -9.92 5.69 -13.60
C MET B 289 -9.57 7.16 -13.35
N ARG B 290 -9.71 8.01 -14.36
CA ARG B 290 -9.37 9.42 -14.16
C ARG B 290 -10.18 10.02 -13.03
N LYS B 291 -11.46 9.60 -12.89
CA LYS B 291 -12.31 10.07 -11.80
C LYS B 291 -11.69 9.79 -10.44
N ARG B 292 -10.85 8.76 -10.30
CA ARG B 292 -10.35 8.36 -9.00
C ARG B 292 -8.85 8.62 -8.82
N SER B 293 -8.21 9.30 -9.77
CA SER B 293 -6.77 9.55 -9.68
C SER B 293 -6.40 10.25 -8.38
N SER B 294 -6.96 11.41 -8.13
CA SER B 294 -6.55 12.15 -6.94
C SER B 294 -7.26 11.69 -5.67
N ILE B 295 -8.00 10.57 -5.71
CA ILE B 295 -8.63 10.05 -4.50
C ILE B 295 -8.31 8.58 -4.30
N GLY B 296 -7.07 8.20 -4.61
CA GLY B 296 -6.50 6.92 -4.21
C GLY B 296 -6.05 6.02 -5.34
N GLY B 297 -6.39 6.33 -6.59
CA GLY B 297 -6.07 5.50 -7.74
C GLY B 297 -4.81 5.94 -8.44
N PHE B 298 -4.74 5.67 -9.75
CA PHE B 298 -3.54 5.88 -10.53
C PHE B 298 -3.63 7.16 -11.35
N ASP B 299 -2.61 8.00 -11.23
CA ASP B 299 -2.47 9.14 -12.11
C ASP B 299 -2.10 8.67 -13.51
N PHE B 300 -2.12 9.60 -14.45
CA PHE B 300 -1.82 9.30 -15.84
C PHE B 300 -0.74 10.24 -16.35
N MET B 301 -0.02 9.76 -17.38
CA MET B 301 0.95 10.59 -18.06
C MET B 301 0.25 11.85 -18.54
N PRO B 302 0.98 12.95 -18.67
CA PRO B 302 0.35 14.20 -19.15
C PRO B 302 -0.11 14.00 -20.58
N SER B 303 -1.35 14.43 -20.86
CA SER B 303 -1.97 14.12 -22.13
C SER B 303 -1.27 14.89 -23.25
N PRO B 304 -1.32 14.38 -24.48
CA PRO B 304 -0.59 15.03 -25.57
C PRO B 304 -1.24 16.34 -25.95
N PRO B 305 -0.52 17.23 -26.63
CA PRO B 305 -1.07 18.54 -26.99
C PRO B 305 -2.16 18.40 -28.03
N PRO B 306 -2.95 19.45 -28.24
CA PRO B 306 -4.04 19.37 -29.23
C PRO B 306 -3.57 19.17 -30.65
N THR B 307 -2.34 19.56 -30.97
CA THR B 307 -1.80 19.30 -32.30
C THR B 307 -1.73 17.81 -32.60
N TYR B 308 -1.57 16.97 -31.58
CA TYR B 308 -1.61 15.52 -31.80
C TYR B 308 -2.98 15.06 -32.27
N TYR B 309 -4.03 15.74 -31.85
CA TYR B 309 -5.37 15.30 -32.18
C TYR B 309 -5.87 15.88 -33.50
N GLN B 310 -5.41 17.06 -33.91
CA GLN B 310 -5.69 17.52 -35.26
C GLN B 310 -5.13 16.53 -36.28
N ASN B 311 -3.87 16.12 -36.07
CA ASN B 311 -3.25 15.13 -36.92
C ASN B 311 -3.98 13.79 -36.90
N LEU B 312 -4.85 13.56 -35.92
CA LEU B 312 -5.55 12.27 -35.85
C LEU B 312 -6.49 12.08 -37.03
N LYS B 313 -7.25 13.12 -37.41
CA LYS B 313 -8.15 12.96 -38.54
C LYS B 313 -7.41 12.50 -39.79
N LYS B 314 -6.15 12.92 -39.95
CA LYS B 314 -5.38 12.59 -41.14
C LYS B 314 -4.89 11.14 -41.17
N ARG B 315 -4.86 10.44 -40.04
CA ARG B 315 -4.34 9.08 -40.02
C ARG B 315 -5.34 8.01 -39.60
N VAL B 316 -6.41 8.36 -38.89
CA VAL B 316 -7.36 7.34 -38.44
C VAL B 316 -8.80 7.80 -38.66
N GLY B 317 -9.01 8.82 -39.48
CA GLY B 317 -10.34 9.36 -39.68
C GLY B 317 -11.35 8.36 -40.19
N ASP B 318 -10.89 7.31 -40.86
CA ASP B 318 -11.76 6.24 -41.36
C ASP B 318 -12.22 5.31 -40.25
N VAL B 319 -11.44 5.23 -39.17
CA VAL B 319 -11.67 4.27 -38.11
C VAL B 319 -12.48 4.89 -36.97
N LEU B 320 -12.24 6.16 -36.69
CA LEU B 320 -12.87 6.87 -35.57
C LEU B 320 -13.69 8.05 -36.09
N SER B 321 -14.90 8.21 -35.58
CA SER B 321 -15.65 9.39 -35.94
C SER B 321 -15.02 10.63 -35.34
N ASP B 322 -15.47 11.80 -35.80
CA ASP B 322 -14.89 13.05 -35.33
C ASP B 322 -15.21 13.29 -33.86
N ASP B 323 -16.35 12.78 -33.38
CA ASP B 323 -16.66 12.90 -31.96
C ASP B 323 -15.78 11.99 -31.12
N GLN B 324 -15.60 10.73 -31.54
CA GLN B 324 -14.73 9.81 -30.81
C GLN B 324 -13.30 10.33 -30.74
N ILE B 325 -12.86 11.01 -31.80
CA ILE B 325 -11.55 11.66 -31.75
C ILE B 325 -11.54 12.75 -30.69
N LYS B 326 -12.62 13.54 -30.60
CA LYS B 326 -12.72 14.56 -29.57
C LYS B 326 -12.89 13.97 -28.18
N GLU B 327 -13.20 12.68 -28.06
CA GLU B 327 -13.28 12.05 -26.75
C GLU B 327 -11.98 11.36 -26.36
N CYS B 328 -11.22 10.85 -27.33
CA CYS B 328 -9.82 10.56 -27.09
C CYS B 328 -9.13 11.79 -26.49
N GLU B 329 -9.36 12.97 -27.08
CA GLU B 329 -8.64 14.15 -26.64
C GLU B 329 -9.09 14.61 -25.26
N GLU B 330 -10.35 14.34 -24.89
CA GLU B 330 -10.76 14.63 -23.52
C GLU B 330 -9.99 13.76 -22.54
N LEU B 331 -9.77 12.48 -22.90
CA LEU B 331 -9.21 11.49 -22.01
C LEU B 331 -7.69 11.36 -22.10
N GLY B 332 -7.08 11.90 -23.15
CA GLY B 332 -5.64 11.75 -23.32
C GLY B 332 -5.22 10.46 -23.95
N ILE B 333 -6.06 9.90 -24.81
CA ILE B 333 -5.77 8.63 -25.48
C ILE B 333 -4.84 8.86 -26.67
N LEU B 334 -3.90 7.93 -26.85
CA LEU B 334 -3.03 7.86 -28.01
C LEU B 334 -3.53 6.78 -28.96
N VAL B 335 -3.31 7.00 -30.25
CA VAL B 335 -3.84 6.12 -31.28
C VAL B 335 -2.71 5.82 -32.25
N ASP B 336 -2.58 4.55 -32.62
CA ASP B 336 -1.63 4.10 -33.61
C ASP B 336 -2.33 3.05 -34.46
N ARG B 337 -1.80 2.84 -35.67
CA ARG B 337 -2.46 1.98 -36.63
C ARG B 337 -1.45 1.01 -37.24
N ASP B 338 -1.96 -0.18 -37.55
CA ASP B 338 -1.21 -1.34 -38.00
C ASP B 338 -1.37 -1.51 -39.51
N ASP B 339 -0.91 -2.66 -40.00
CA ASP B 339 -1.39 -3.14 -41.28
C ASP B 339 -2.77 -3.77 -41.14
N GLN B 340 -3.09 -4.32 -39.95
CA GLN B 340 -4.35 -5.03 -39.71
C GLN B 340 -5.38 -4.15 -39.03
N GLY B 341 -5.04 -3.58 -37.88
CA GLY B 341 -6.02 -2.91 -37.05
C GLY B 341 -5.59 -1.56 -36.53
N THR B 342 -6.29 -1.07 -35.52
CA THR B 342 -5.98 0.19 -34.86
C THR B 342 -5.86 -0.05 -33.36
N LEU B 343 -4.90 0.63 -32.73
CA LEU B 343 -4.64 0.50 -31.31
C LEU B 343 -5.02 1.78 -30.57
N LEU B 344 -5.81 1.64 -29.50
CA LEU B 344 -6.00 2.74 -28.57
C LEU B 344 -5.28 2.38 -27.27
N GLN B 345 -4.51 3.35 -26.73
CA GLN B 345 -3.63 3.11 -25.60
C GLN B 345 -3.49 4.36 -24.73
N ILE B 346 -3.18 4.13 -23.45
CA ILE B 346 -2.76 5.21 -22.56
C ILE B 346 -1.90 4.59 -21.46
N PHE B 347 -1.07 5.41 -20.83
CA PHE B 347 -0.11 4.94 -19.84
C PHE B 347 -0.28 5.67 -18.51
N THR B 348 -0.30 4.91 -17.42
CA THR B 348 -0.30 5.50 -16.09
C THR B 348 1.10 6.03 -15.74
N LYS B 349 1.14 6.89 -14.73
CA LYS B 349 2.41 7.17 -14.08
C LYS B 349 2.86 5.93 -13.29
N PRO B 350 4.03 5.92 -12.64
CA PRO B 350 4.44 4.69 -11.91
C PRO B 350 3.47 4.30 -10.79
N LEU B 351 3.30 2.99 -10.63
CA LEU B 351 2.37 2.44 -9.66
C LEU B 351 2.90 2.49 -8.23
N GLY B 352 4.19 2.77 -8.04
CA GLY B 352 4.82 2.72 -6.73
C GLY B 352 5.76 3.87 -6.49
N ASP B 353 6.65 3.75 -5.49
CA ASP B 353 7.54 4.85 -5.17
C ASP B 353 8.62 5.04 -6.21
N ARG B 354 9.05 3.93 -6.87
CA ARG B 354 10.18 3.96 -7.79
C ARG B 354 9.70 4.15 -9.22
N PRO B 355 10.33 5.05 -10.00
CA PRO B 355 9.90 5.23 -11.39
C PRO B 355 10.21 4.00 -12.23
N THR B 356 9.52 2.90 -11.97
CA THR B 356 9.90 1.67 -12.66
C THR B 356 8.72 1.06 -13.41
N ILE B 357 7.86 0.36 -12.70
CA ILE B 357 6.73 -0.34 -13.31
C ILE B 357 5.54 0.60 -13.45
N PHE B 358 4.79 0.41 -14.53
CA PHE B 358 3.56 1.16 -14.74
C PHE B 358 2.58 0.31 -15.55
N ILE B 359 1.37 0.83 -15.68
CA ILE B 359 0.28 0.14 -16.35
C ILE B 359 -0.10 0.91 -17.60
N GLU B 360 -0.53 0.16 -18.61
CA GLU B 360 -1.03 0.70 -19.86
C GLU B 360 -2.38 0.07 -20.14
N ILE B 361 -3.37 0.92 -20.45
CA ILE B 361 -4.74 0.50 -20.74
C ILE B 361 -4.95 0.55 -22.25
N ILE B 362 -5.54 -0.52 -22.79
CA ILE B 362 -5.52 -0.83 -24.21
C ILE B 362 -6.90 -1.24 -24.69
N GLN B 363 -7.28 -0.76 -25.87
CA GLN B 363 -8.33 -1.39 -26.65
C GLN B 363 -7.83 -1.55 -28.07
N ARG B 364 -8.06 -2.72 -28.66
CA ARG B 364 -7.73 -3.00 -30.05
C ARG B 364 -9.00 -3.05 -30.89
N VAL B 365 -8.84 -2.72 -32.17
CA VAL B 365 -9.95 -2.52 -33.11
C VAL B 365 -9.61 -3.23 -34.42
N GLY B 366 -10.49 -4.13 -34.85
CA GLY B 366 -10.34 -4.87 -36.10
C GLY B 366 -9.88 -6.31 -35.92
N CYS B 367 -9.26 -6.83 -36.98
CA CYS B 367 -8.73 -8.18 -36.99
C CYS B 367 -9.66 -9.21 -36.37
N MET B 368 -10.83 -9.38 -36.95
CA MET B 368 -11.79 -10.36 -36.44
C MET B 368 -12.05 -11.49 -37.43
N TYR B 377 -13.17 -14.58 -33.34
CA TYR B 377 -12.36 -13.97 -32.30
C TYR B 377 -11.53 -12.83 -32.86
N GLN B 378 -10.90 -12.08 -31.96
CA GLN B 378 -10.02 -11.00 -32.38
C GLN B 378 -8.62 -11.49 -32.16
N SER B 379 -7.79 -11.35 -33.18
CA SER B 379 -6.39 -11.76 -33.15
C SER B 379 -5.59 -10.94 -32.20
N GLY B 380 -4.49 -11.51 -31.75
CA GLY B 380 -3.63 -10.86 -30.83
C GLY B 380 -2.60 -10.04 -31.51
N GLY B 381 -2.47 -8.79 -31.09
CA GLY B 381 -1.50 -7.91 -31.67
C GLY B 381 -2.07 -6.94 -32.64
N CYS B 382 -3.36 -7.02 -32.93
CA CYS B 382 -4.02 -6.12 -33.87
C CYS B 382 -3.77 -4.71 -33.50
N GLY B 383 -3.00 -4.03 -34.30
CA GLY B 383 -2.68 -2.64 -34.05
C GLY B 383 -1.25 -2.40 -33.62
N GLY B 384 -0.55 -3.46 -33.26
CA GLY B 384 0.81 -3.34 -32.83
C GLY B 384 0.91 -3.02 -31.37
N PHE B 385 1.92 -2.25 -31.03
CA PHE B 385 2.21 -1.91 -29.65
C PHE B 385 2.45 -0.42 -29.46
N GLY B 386 2.24 0.38 -30.49
CA GLY B 386 2.28 1.82 -30.39
C GLY B 386 3.58 2.46 -30.81
N LYS B 387 4.55 1.69 -31.28
CA LYS B 387 5.87 2.26 -31.53
C LYS B 387 5.78 3.49 -32.43
N GLY B 388 4.84 3.49 -33.38
CA GLY B 388 4.68 4.65 -34.23
C GLY B 388 4.41 5.93 -33.47
N ASN B 389 3.97 5.82 -32.21
CA ASN B 389 3.57 6.97 -31.41
C ASN B 389 4.73 7.66 -30.71
N PHE B 390 5.93 7.09 -30.73
CA PHE B 390 7.11 7.84 -30.32
C PHE B 390 7.31 9.03 -31.23
N SER B 391 7.53 8.76 -32.52
CA SER B 391 7.75 9.83 -33.49
C SER B 391 6.58 10.80 -33.47
N GLU B 392 5.37 10.30 -33.60
CA GLU B 392 4.21 11.14 -33.65
C GLU B 392 4.15 12.20 -32.60
N LEU B 393 4.37 11.84 -31.36
CA LEU B 393 4.29 12.81 -30.27
C LEU B 393 5.31 13.92 -30.43
N PHE B 394 6.60 13.56 -30.57
CA PHE B 394 7.66 14.53 -30.83
C PHE B 394 7.23 15.59 -31.85
N LYS B 395 6.75 15.14 -33.01
CA LYS B 395 6.24 16.06 -34.02
C LYS B 395 5.13 16.94 -33.46
N SER B 396 4.14 16.32 -32.82
CA SER B 396 2.98 17.08 -32.36
C SER B 396 3.35 18.08 -31.29
N ILE B 397 4.41 17.81 -30.52
CA ILE B 397 4.82 18.69 -29.43
C ILE B 397 5.66 19.85 -29.95
N GLU B 398 6.39 19.65 -31.05
CA GLU B 398 7.14 20.74 -31.68
C GLU B 398 6.25 21.62 -32.56
N GLU B 399 5.24 21.05 -33.21
CA GLU B 399 4.26 21.87 -33.92
C GLU B 399 3.48 22.75 -32.94
N TYR B 400 3.18 22.21 -31.77
CA TYR B 400 2.44 22.98 -30.77
C TYR B 400 3.30 24.09 -30.18
N GLU B 401 4.58 23.80 -29.90
CA GLU B 401 5.46 24.77 -29.27
C GLU B 401 5.79 25.94 -30.19
N LYS B 402 5.55 25.81 -31.50
CA LYS B 402 5.76 26.91 -32.44
C LYS B 402 4.46 27.60 -32.84
N THR B 403 3.30 27.11 -32.39
CA THR B 403 2.05 27.83 -32.65
C THR B 403 0.97 27.55 -31.61
CO CO C . -8.09 4.25 22.82
C13 A1LWU D . -8.44 1.73 24.28
C17 A1LWU D . -6.36 3.17 27.13
C20 A1LWU D . -7.44 0.54 26.40
C24 A1LWU D . -10.63 -4.93 21.33
C26 A1LWU D . -14.11 -1.71 24.52
C28 A1LWU D . -9.87 -3.62 19.22
C01 A1LWU D . -9.42 0.64 24.07
C02 A1LWU D . -10.74 0.95 24.75
C03 A1LWU D . -11.83 -0.06 24.58
C04 A1LWU D . -11.60 -1.28 23.79
C05 A1LWU D . -10.31 -1.69 23.05
C06 A1LWU D . -9.18 -0.61 23.23
N07 A1LWU D . -13.00 -2.21 23.80
C08 A1LWU D . -13.19 -3.60 23.02
C09 A1LWU D . -12.07 -4.09 22.30
N10 A1LWU D . -11.03 -3.76 22.07
C11 A1LWU D . -10.17 -2.78 22.38
C12 A1LWU D . -7.80 -0.69 22.64
C14 A1LWU D . -7.42 1.65 25.38
O15 A1LWU D . -8.53 2.65 23.55
C16 A1LWU D . -6.82 2.98 25.70
C18 A1LWU D . -7.10 2.35 28.15
C19 A1LWU D . -7.14 0.86 27.84
O21 A1LWU D . -7.28 4.05 24.96
O22 A1LWU D . -7.64 -0.55 26.11
O23 A1LWU D . -9.14 -2.89 21.92
O25 A1LWU D . -14.23 -4.12 23.11
C27 A1LWU D . -10.07 -4.88 19.96
C29 A1LWU D . -9.32 -3.71 17.84
C30 A1LWU D . -8.93 -5.02 17.24
C31 A1LWU D . -9.14 -6.27 17.99
C32 A1LWU D . -9.71 -6.19 19.37
C33 A1LWU D . -8.37 -5.05 15.84
N34 A1LWU D . -7.96 -5.11 14.79
CO CO E . 2.68 -1.89 -24.36
C13 A1LWU F . 5.00 0.06 -25.31
C17 A1LWU F . 6.57 -2.96 -27.00
C20 A1LWU F . 7.41 -0.25 -26.34
C24 A1LWU F . 6.77 6.90 -22.37
C26 A1LWU F . 3.89 6.30 -27.33
C28 A1LWU F . 7.27 7.27 -19.90
C01 A1LWU F . 5.03 1.54 -25.33
C02 A1LWU F . 4.32 2.09 -26.54
C03 A1LWU F . 4.25 3.58 -26.69
C04 A1LWU F . 4.86 4.47 -25.67
C05 A1LWU F . 5.59 4.02 -24.40
C06 A1LWU F . 5.64 2.46 -24.28
N07 A1LWU F . 4.60 6.09 -26.11
C08 A1LWU F . 5.07 7.37 -25.24
C09 A1LWU F . 5.78 7.10 -24.05
N10 A1LWU F . 6.10 6.18 -23.45
C11 A1LWU F . 6.09 4.84 -23.53
C12 A1LWU F . 6.29 1.69 -23.15
C14 A1LWU F . 6.22 -0.81 -25.60
O15 A1LWU F . 3.96 -0.49 -25.08
C16 A1LWU F . 5.80 -2.22 -25.95
C18 A1LWU F . 7.12 -1.97 -28.02
C19 A1LWU F . 8.14 -1.05 -27.35
O21 A1LWU F . 4.50 -2.62 -25.59
O22 A1LWU F . 7.79 0.82 -26.17
O23 A1LWU F . 6.60 4.31 -22.66
O25 A1LWU F . 4.89 8.43 -25.61
C27 A1LWU F . 6.43 6.61 -20.94
C29 A1LWU F . 7.03 7.03 -18.44
C30 A1LWU F . 5.94 6.12 -18.03
C31 A1LWU F . 5.10 5.46 -19.07
C32 A1LWU F . 5.34 5.69 -20.53
C33 A1LWU F . 5.69 5.87 -16.55
N34 A1LWU F . 5.49 5.66 -15.48
#